data_4XDP
#
_entry.id   4XDP
#
_cell.length_a   93.870
_cell.length_b   89.750
_cell.length_c   98.280
_cell.angle_alpha   90.000
_cell.angle_beta   96.310
_cell.angle_gamma   90.000
#
_symmetry.space_group_name_H-M   'C 1 2 1'
#
loop_
_entity.id
_entity.type
_entity.pdbx_description
1 polymer 'Lysine-specific demethylase 4C'
2 non-polymer 'ZINC ION'
3 non-polymer 'FE (III) ION'
4 non-polymer 2-AMINO-2-HYDROXYMETHYL-PROPANE-1,3-DIOL
5 non-polymer 'TRIETHYLENE GLYCOL'
6 non-polymer 1,2-ETHANEDIOL
7 non-polymer 'CHLORIDE ION'
8 non-polymer 'TETRAETHYLENE GLYCOL'
9 water water
#
_entity_poly.entity_id   1
_entity_poly.type   'polypeptide(L)'
_entity_poly.pdbx_seq_one_letter_code
;LNPSCKIMTFRPSMEEFREFNKYLAYMESKGAHRAGLAKVIPPKEWKPRQCYDDIDNLLIPAPIQQMVTGQSGLFTQYNI
QKKAMTVKEFRQLANSGKYCTPRYLDYEDLERKYWKNLTFVAPIYGADINGSIYDEGVDEWNIARLNTVLDVVEEECGIS
IEGVNTPYLYFGMWKTTFAWHTEDMDLYSINYLHFGEPKSWYAIPPEHGKRLERLAQGFFPSSSQGCDAFLRHKMTLISP
SVLKKYGIPFDKITQEAGEFMITFPYGYHAGFNHGFNCAESTNFATVRWIDYGKVAKLCTCRKDMVKISMDIFVRKFQPD
RYQLWKQGKDIYTIDHTK
;
_entity_poly.pdbx_strand_id   A,B
#
# COMPACT_ATOMS: atom_id res chain seq x y z
N LEU A 1 -33.39 -12.65 -8.82
CA LEU A 1 -32.29 -13.18 -9.66
C LEU A 1 -31.96 -12.25 -10.85
N ASN A 2 -32.96 -11.58 -11.42
CA ASN A 2 -32.79 -10.67 -12.58
C ASN A 2 -31.95 -11.30 -13.71
N PRO A 3 -32.46 -12.39 -14.32
CA PRO A 3 -31.65 -13.08 -15.33
C PRO A 3 -31.47 -12.31 -16.65
N SER A 4 -32.33 -11.33 -16.93
CA SER A 4 -32.12 -10.48 -18.11
C SER A 4 -31.08 -9.36 -17.85
N CYS A 5 -30.57 -9.27 -16.62
CA CYS A 5 -29.59 -8.24 -16.25
C CYS A 5 -30.02 -6.83 -16.66
N LYS A 6 -31.32 -6.56 -16.58
CA LYS A 6 -31.84 -5.25 -16.99
C LYS A 6 -31.73 -4.25 -15.86
N ILE A 7 -31.71 -2.97 -16.19
CA ILE A 7 -31.58 -1.93 -15.14
C ILE A 7 -32.89 -1.84 -14.36
N MET A 8 -32.79 -2.01 -13.05
CA MET A 8 -33.93 -2.02 -12.14
C MET A 8 -34.16 -0.66 -11.49
N THR A 9 -35.42 -0.34 -11.28
CA THR A 9 -35.81 0.90 -10.61
C THR A 9 -36.49 0.52 -9.31
N PHE A 10 -36.04 1.09 -8.20
CA PHE A 10 -36.59 0.81 -6.89
C PHE A 10 -37.37 2.02 -6.39
N ARG A 11 -38.49 1.75 -5.72
N ARG A 11 -38.50 1.78 -5.74
CA ARG A 11 -39.34 2.79 -5.17
CA ARG A 11 -39.33 2.83 -5.18
C ARG A 11 -39.60 2.51 -3.68
C ARG A 11 -39.61 2.54 -3.70
N PRO A 12 -38.61 2.80 -2.83
CA PRO A 12 -38.80 2.56 -1.39
C PRO A 12 -39.80 3.47 -0.72
N SER A 13 -40.51 2.94 0.25
CA SER A 13 -41.24 3.73 1.20
C SER A 13 -40.24 4.47 2.10
N MET A 14 -40.71 5.44 2.87
CA MET A 14 -39.84 6.11 3.83
C MET A 14 -39.17 5.11 4.75
N GLU A 15 -39.96 4.18 5.29
CA GLU A 15 -39.45 3.15 6.19
C GLU A 15 -38.31 2.33 5.55
N GLU A 16 -38.44 2.01 4.27
CA GLU A 16 -37.42 1.22 3.60
C GLU A 16 -36.20 2.07 3.26
N PHE A 17 -36.46 3.35 3.03
CA PHE A 17 -35.46 4.28 2.57
C PHE A 17 -34.46 4.70 3.63
N ARG A 18 -34.89 4.77 4.89
CA ARG A 18 -34.12 5.44 5.96
CA ARG A 18 -34.10 5.45 5.93
C ARG A 18 -32.65 5.02 5.94
N GLU A 19 -32.39 3.72 5.85
CA GLU A 19 -31.01 3.20 5.98
C GLU A 19 -30.39 2.71 4.68
N PHE A 20 -29.52 3.53 4.10
CA PHE A 20 -28.88 3.21 2.83
C PHE A 20 -28.27 1.78 2.74
N ASN A 21 -27.46 1.42 3.74
CA ASN A 21 -26.64 0.23 3.65
C ASN A 21 -27.53 -1.00 3.62
N LYS A 22 -28.58 -0.97 4.41
CA LYS A 22 -29.55 -2.03 4.41
C LYS A 22 -30.29 -2.09 3.08
N TYR A 23 -30.70 -0.93 2.54
CA TYR A 23 -31.41 -0.96 1.27
C TYR A 23 -30.53 -1.41 0.11
N LEU A 24 -29.26 -1.05 0.11
CA LEU A 24 -28.39 -1.56 -0.95
C LEU A 24 -28.33 -3.09 -0.93
N ALA A 25 -28.22 -3.64 0.28
CA ALA A 25 -28.21 -5.09 0.45
C ALA A 25 -29.52 -5.67 -0.10
N TYR A 26 -30.66 -5.05 0.23
CA TYR A 26 -31.93 -5.46 -0.36
C TYR A 26 -31.85 -5.46 -1.91
N MET A 27 -31.40 -4.36 -2.49
CA MET A 27 -31.29 -4.23 -3.94
C MET A 27 -30.49 -5.37 -4.57
N GLU A 28 -29.33 -5.70 -3.98
CA GLU A 28 -28.56 -6.79 -4.51
C GLU A 28 -29.27 -8.14 -4.32
N SER A 29 -30.00 -8.30 -3.23
CA SER A 29 -30.81 -9.51 -3.04
C SER A 29 -31.87 -9.68 -4.16
N LYS A 30 -32.28 -8.60 -4.83
CA LYS A 30 -33.18 -8.69 -6.00
C LYS A 30 -32.47 -8.71 -7.37
N GLY A 31 -31.13 -8.75 -7.34
CA GLY A 31 -30.34 -8.89 -8.55
C GLY A 31 -30.03 -7.58 -9.23
N ALA A 32 -30.17 -6.45 -8.51
CA ALA A 32 -29.95 -5.13 -9.10
C ALA A 32 -28.56 -5.01 -9.74
N HIS A 33 -27.57 -5.52 -9.04
CA HIS A 33 -26.16 -5.44 -9.46
C HIS A 33 -25.82 -6.09 -10.79
N ARG A 34 -26.63 -7.05 -11.23
CA ARG A 34 -26.34 -7.75 -12.47
C ARG A 34 -26.35 -6.82 -13.69
N ALA A 35 -27.08 -5.73 -13.61
CA ALA A 35 -27.19 -4.79 -14.72
C ALA A 35 -26.03 -3.81 -14.75
N GLY A 36 -25.33 -3.68 -13.63
CA GLY A 36 -24.25 -2.72 -13.46
C GLY A 36 -24.71 -1.35 -12.99
N LEU A 37 -26.02 -1.09 -13.06
CA LEU A 37 -26.57 0.21 -12.73
C LEU A 37 -27.98 0.01 -12.21
N ALA A 38 -28.41 0.84 -11.28
CA ALA A 38 -29.78 0.80 -10.79
C ALA A 38 -30.23 2.20 -10.40
N LYS A 39 -31.53 2.40 -10.45
CA LYS A 39 -32.14 3.65 -10.05
C LYS A 39 -32.95 3.50 -8.77
N VAL A 40 -32.82 4.50 -7.90
CA VAL A 40 -33.63 4.56 -6.71
C VAL A 40 -34.32 5.90 -6.64
N ILE A 41 -35.64 5.82 -6.54
CA ILE A 41 -36.49 6.97 -6.47
C ILE A 41 -36.93 7.07 -5.02
N PRO A 42 -36.51 8.15 -4.36
CA PRO A 42 -36.91 8.28 -2.97
C PRO A 42 -38.39 8.61 -2.85
N PRO A 43 -38.96 8.44 -1.65
CA PRO A 43 -40.30 8.92 -1.40
C PRO A 43 -40.38 10.42 -1.65
N LYS A 44 -41.55 10.88 -2.07
CA LYS A 44 -41.80 12.29 -2.40
C LYS A 44 -41.62 13.28 -1.23
N GLU A 45 -41.76 12.83 0.01
CA GLU A 45 -41.56 13.74 1.15
C GLU A 45 -40.09 14.08 1.43
N TRP A 46 -39.16 13.27 0.93
CA TRP A 46 -37.77 13.40 1.30
C TRP A 46 -37.13 14.49 0.46
N LYS A 47 -36.55 15.50 1.10
CA LYS A 47 -35.88 16.58 0.39
C LYS A 47 -34.53 16.83 1.01
N PRO A 48 -33.44 16.56 0.27
CA PRO A 48 -32.11 16.75 0.81
C PRO A 48 -31.71 18.22 1.01
N ARG A 49 -32.25 19.11 0.19
CA ARG A 49 -32.01 20.55 0.36
C ARG A 49 -33.34 21.28 0.21
N GLN A 50 -33.63 22.21 1.13
CA GLN A 50 -34.92 22.88 1.10
C GLN A 50 -35.01 23.89 -0.05
N CYS A 51 -33.94 24.67 -0.25
CA CYS A 51 -33.91 25.69 -1.29
C CYS A 51 -32.57 25.68 -2.02
N TYR A 52 -32.63 25.64 -3.36
CA TYR A 52 -31.43 25.57 -4.20
C TYR A 52 -30.99 26.93 -4.72
N ASP A 53 -31.73 27.98 -4.38
CA ASP A 53 -31.47 29.32 -4.95
C ASP A 53 -30.03 29.80 -4.72
N ASP A 54 -29.51 29.52 -3.53
CA ASP A 54 -28.13 29.90 -3.14
C ASP A 54 -27.04 29.27 -4.00
N ILE A 55 -27.32 28.13 -4.62
CA ILE A 55 -26.29 27.42 -5.36
C ILE A 55 -25.83 28.22 -6.59
N ASP A 56 -26.69 29.11 -7.08
CA ASP A 56 -26.28 30.07 -8.12
C ASP A 56 -24.95 30.79 -7.84
N ASN A 57 -24.67 31.07 -6.56
CA ASN A 57 -23.48 31.85 -6.16
C ASN A 57 -22.21 31.05 -6.05
N LEU A 58 -22.33 29.75 -6.22
CA LEU A 58 -21.18 28.85 -6.14
C LEU A 58 -20.27 29.04 -7.34
N LEU A 59 -18.96 28.98 -7.10
CA LEU A 59 -17.96 29.14 -8.17
C LEU A 59 -17.61 27.80 -8.76
N ILE A 60 -17.56 27.74 -10.09
CA ILE A 60 -17.02 26.59 -10.82
C ILE A 60 -15.63 27.04 -11.20
N PRO A 61 -14.60 26.65 -10.42
CA PRO A 61 -13.31 27.29 -10.66
C PRO A 61 -12.62 26.86 -11.97
N ALA A 62 -13.00 25.71 -12.53
CA ALA A 62 -12.28 25.13 -13.65
C ALA A 62 -13.21 24.47 -14.65
N PRO A 63 -14.11 25.24 -15.30
CA PRO A 63 -14.98 24.62 -16.30
C PRO A 63 -14.19 24.02 -17.45
N ILE A 64 -14.69 22.93 -18.00
CA ILE A 64 -14.04 22.21 -19.07
C ILE A 64 -14.86 22.18 -20.36
N GLN A 65 -14.27 22.61 -21.46
CA GLN A 65 -14.89 22.46 -22.77
C GLN A 65 -14.51 21.10 -23.41
N GLN A 66 -15.49 20.27 -23.78
CA GLN A 66 -15.24 18.92 -24.32
C GLN A 66 -15.13 18.89 -25.83
N MET A 67 -13.97 18.45 -26.33
CA MET A 67 -13.70 18.44 -27.75
C MET A 67 -13.75 17.00 -28.27
N VAL A 68 -14.83 16.68 -28.99
CA VAL A 68 -15.09 15.31 -29.47
C VAL A 68 -14.68 15.19 -30.92
N THR A 69 -13.97 14.12 -31.25
CA THR A 69 -13.57 13.83 -32.61
C THR A 69 -13.94 12.40 -32.97
N GLY A 70 -14.55 12.23 -34.14
CA GLY A 70 -14.81 10.93 -34.72
C GLY A 70 -16.01 10.92 -35.65
N GLN A 71 -16.56 9.72 -35.82
CA GLN A 71 -17.72 9.51 -36.66
C GLN A 71 -18.25 8.11 -36.50
N SER A 72 -19.52 7.95 -36.86
CA SER A 72 -20.15 6.64 -37.01
C SER A 72 -20.11 5.85 -35.70
N GLY A 73 -20.39 6.55 -34.61
CA GLY A 73 -20.48 5.92 -33.30
C GLY A 73 -19.18 5.75 -32.54
N LEU A 74 -18.05 6.07 -33.16
CA LEU A 74 -16.75 5.99 -32.48
C LEU A 74 -16.08 7.36 -32.39
N PHE A 75 -15.78 7.80 -31.16
CA PHE A 75 -15.17 9.11 -30.92
C PHE A 75 -14.15 9.11 -29.77
N THR A 76 -13.19 10.03 -29.88
CA THR A 76 -12.28 10.34 -28.78
CA THR A 76 -12.30 10.36 -28.78
C THR A 76 -12.50 11.81 -28.40
N GLN A 77 -12.19 12.13 -27.16
CA GLN A 77 -12.52 13.41 -26.58
C GLN A 77 -11.24 13.99 -25.94
N TYR A 78 -11.04 15.30 -25.97
CA TYR A 78 -10.03 15.94 -25.10
C TYR A 78 -10.62 17.18 -24.49
N ASN A 79 -9.96 17.72 -23.47
CA ASN A 79 -10.51 18.80 -22.68
C ASN A 79 -9.74 20.09 -22.85
N ILE A 80 -10.44 21.22 -22.82
CA ILE A 80 -9.82 22.54 -22.73
C ILE A 80 -10.29 23.28 -21.49
N GLN A 81 -9.36 23.74 -20.65
CA GLN A 81 -9.70 24.45 -19.43
C GLN A 81 -10.12 25.88 -19.74
N LYS A 82 -11.34 26.23 -19.34
CA LYS A 82 -11.84 27.60 -19.47
C LYS A 82 -11.76 28.37 -18.15
N LYS A 83 -11.90 29.70 -18.24
CA LYS A 83 -11.92 30.60 -17.07
C LYS A 83 -13.01 30.25 -16.08
N ALA A 84 -12.77 30.55 -14.81
CA ALA A 84 -13.74 30.29 -13.76
C ALA A 84 -15.04 31.07 -13.99
N MET A 85 -16.17 30.48 -13.62
CA MET A 85 -17.44 31.17 -13.68
C MET A 85 -18.34 30.74 -12.55
N THR A 86 -19.34 31.55 -12.20
CA THR A 86 -20.35 31.13 -11.24
C THR A 86 -21.35 30.16 -11.89
N VAL A 87 -22.06 29.42 -11.07
CA VAL A 87 -23.13 28.56 -11.53
C VAL A 87 -24.21 29.38 -12.28
N LYS A 88 -24.45 30.60 -11.82
CA LYS A 88 -25.42 31.49 -12.46
C LYS A 88 -25.01 31.84 -13.88
N GLU A 89 -23.73 32.17 -14.05
CA GLU A 89 -23.15 32.40 -15.37
C GLU A 89 -23.19 31.15 -16.22
N PHE A 90 -22.92 30.01 -15.60
CA PHE A 90 -22.90 28.73 -16.31
C PHE A 90 -24.29 28.36 -16.79
N ARG A 91 -25.28 28.57 -15.95
CA ARG A 91 -26.65 28.26 -16.31
C ARG A 91 -27.11 29.18 -17.45
N GLN A 92 -26.80 30.47 -17.34
CA GLN A 92 -27.15 31.42 -18.40
C GLN A 92 -26.46 31.03 -19.70
N LEU A 93 -25.23 30.54 -19.60
CA LEU A 93 -24.52 30.10 -20.79
C LEU A 93 -25.28 28.91 -21.37
N ALA A 94 -25.52 27.91 -20.52
CA ALA A 94 -26.22 26.68 -20.92
C ALA A 94 -27.57 26.88 -21.56
N ASN A 95 -28.33 27.88 -21.13
CA ASN A 95 -29.65 28.14 -21.72
C ASN A 95 -29.62 29.07 -22.93
N SER A 96 -28.44 29.51 -23.35
CA SER A 96 -28.35 30.32 -24.55
C SER A 96 -28.54 29.47 -25.82
N GLY A 97 -28.85 30.16 -26.93
CA GLY A 97 -29.11 29.51 -28.20
C GLY A 97 -27.95 28.65 -28.68
N LYS A 98 -26.73 29.04 -28.36
CA LYS A 98 -25.57 28.27 -28.82
C LYS A 98 -25.49 26.92 -28.15
N TYR A 99 -25.91 26.84 -26.87
CA TYR A 99 -25.67 25.68 -26.01
C TYR A 99 -26.92 24.97 -25.51
N CYS A 100 -28.13 25.50 -25.77
CA CYS A 100 -29.34 24.95 -25.15
C CYS A 100 -29.71 23.62 -25.77
N THR A 101 -30.50 22.84 -25.03
CA THR A 101 -31.06 21.61 -25.53
C THR A 101 -31.79 21.91 -26.84
N PRO A 102 -31.65 21.03 -27.87
CA PRO A 102 -32.42 21.21 -29.09
C PRO A 102 -33.91 20.93 -28.84
N ARG A 103 -34.76 21.26 -29.81
CA ARG A 103 -36.17 20.81 -29.78
C ARG A 103 -36.14 19.27 -29.92
N TYR A 104 -37.07 18.55 -29.28
CA TYR A 104 -37.14 17.08 -29.43
C TYR A 104 -38.53 16.58 -29.11
N LEU A 105 -38.80 15.33 -29.49
CA LEU A 105 -40.12 14.72 -29.30
C LEU A 105 -40.21 13.98 -28.00
N ASP A 106 -39.23 13.12 -27.75
CA ASP A 106 -39.14 12.31 -26.56
C ASP A 106 -37.66 11.95 -26.35
N TYR A 107 -37.38 11.22 -25.27
CA TYR A 107 -36.01 10.92 -24.87
C TYR A 107 -35.24 10.12 -25.94
N GLU A 108 -35.92 9.21 -26.63
CA GLU A 108 -35.34 8.50 -27.78
C GLU A 108 -34.91 9.45 -28.86
N ASP A 109 -35.75 10.44 -29.15
CA ASP A 109 -35.43 11.43 -30.19
C ASP A 109 -34.18 12.22 -29.81
N LEU A 110 -34.11 12.64 -28.54
CA LEU A 110 -32.98 13.43 -28.05
C LEU A 110 -31.68 12.62 -28.05
N GLU A 111 -31.80 11.33 -27.76
CA GLU A 111 -30.69 10.39 -27.82
C GLU A 111 -30.14 10.38 -29.23
N ARG A 112 -31.01 10.28 -30.25
CA ARG A 112 -30.51 10.34 -31.66
C ARG A 112 -29.80 11.65 -31.94
N LYS A 113 -30.35 12.74 -31.43
CA LYS A 113 -29.75 14.04 -31.66
C LYS A 113 -28.35 14.19 -31.01
N TYR A 114 -28.19 13.62 -29.82
CA TYR A 114 -26.90 13.64 -29.15
C TYR A 114 -25.83 13.03 -30.01
N TRP A 115 -26.09 11.81 -30.48
CA TRP A 115 -25.09 11.04 -31.28
C TRP A 115 -24.82 11.65 -32.66
N LYS A 116 -25.81 12.34 -33.20
CA LYS A 116 -25.73 12.98 -34.51
C LYS A 116 -25.05 14.39 -34.47
N ASN A 117 -24.97 15.03 -33.30
CA ASN A 117 -24.43 16.41 -33.17
C ASN A 117 -23.18 16.59 -32.25
N LEU A 118 -22.69 15.47 -31.73
CA LEU A 118 -21.46 15.44 -30.95
C LEU A 118 -20.28 16.26 -31.50
N THR A 119 -20.08 16.31 -32.81
CA THR A 119 -18.89 16.98 -33.35
C THR A 119 -19.13 18.39 -33.85
N PHE A 120 -20.26 18.99 -33.46
CA PHE A 120 -20.49 20.38 -33.78
C PHE A 120 -20.07 21.25 -32.58
N VAL A 121 -20.97 22.01 -31.96
CA VAL A 121 -20.58 22.92 -30.89
C VAL A 121 -20.04 22.13 -29.68
N ALA A 122 -18.90 22.55 -29.12
CA ALA A 122 -18.30 21.85 -27.98
C ALA A 122 -18.95 22.29 -26.68
N PRO A 123 -19.53 21.37 -25.92
CA PRO A 123 -20.17 21.77 -24.68
C PRO A 123 -19.19 21.92 -23.51
N ILE A 124 -19.64 22.57 -22.44
CA ILE A 124 -18.81 22.93 -21.32
C ILE A 124 -19.45 22.38 -20.04
N TYR A 125 -18.63 21.77 -19.17
CA TYR A 125 -19.13 21.33 -17.87
C TYR A 125 -18.21 21.76 -16.72
N GLY A 126 -18.74 21.65 -15.52
CA GLY A 126 -17.97 21.86 -14.29
C GLY A 126 -18.03 20.56 -13.54
N ALA A 127 -16.87 19.99 -13.20
CA ALA A 127 -16.80 18.70 -12.49
C ALA A 127 -15.78 18.72 -11.38
N ASP A 128 -15.88 17.71 -10.49
CA ASP A 128 -14.89 17.46 -9.44
C ASP A 128 -14.73 18.67 -8.48
N ILE A 129 -15.85 19.33 -8.23
CA ILE A 129 -15.93 20.35 -7.23
C ILE A 129 -16.14 19.59 -5.92
N ASN A 130 -15.22 19.76 -4.96
CA ASN A 130 -15.35 19.13 -3.64
C ASN A 130 -16.50 19.78 -2.89
N GLY A 131 -17.49 18.99 -2.51
CA GLY A 131 -18.56 19.54 -1.70
C GLY A 131 -19.86 18.80 -1.86
N SER A 132 -20.79 19.10 -0.96
CA SER A 132 -22.12 18.54 -0.92
C SER A 132 -23.03 19.72 -0.82
N ILE A 133 -24.20 19.62 -1.40
CA ILE A 133 -25.18 20.69 -1.17
C ILE A 133 -26.41 20.21 -0.38
N TYR A 134 -26.30 19.09 0.33
CA TYR A 134 -27.35 18.70 1.27
C TYR A 134 -27.42 19.70 2.43
N ASP A 135 -28.62 19.94 2.95
CA ASP A 135 -28.77 20.71 4.18
C ASP A 135 -28.11 19.96 5.31
N GLU A 136 -27.71 20.69 6.33
CA GLU A 136 -27.18 20.13 7.55
C GLU A 136 -28.21 19.21 8.19
N GLY A 137 -27.77 18.11 8.79
CA GLY A 137 -28.68 17.22 9.54
C GLY A 137 -29.52 16.23 8.73
N VAL A 138 -29.48 16.30 7.39
CA VAL A 138 -30.12 15.27 6.56
C VAL A 138 -29.32 13.99 6.70
N ASP A 139 -29.86 13.00 7.40
CA ASP A 139 -29.08 11.80 7.74
C ASP A 139 -29.36 10.62 6.82
N GLU A 140 -30.39 10.69 5.97
CA GLU A 140 -30.66 9.59 5.01
C GLU A 140 -29.88 9.82 3.72
N TRP A 141 -29.24 8.76 3.23
CA TRP A 141 -28.55 8.78 1.93
C TRP A 141 -27.63 9.99 1.75
N ASN A 142 -26.91 10.32 2.81
CA ASN A 142 -26.04 11.45 2.79
C ASN A 142 -24.75 11.02 2.12
N ILE A 143 -24.59 11.48 0.88
CA ILE A 143 -23.47 11.16 0.02
C ILE A 143 -22.10 11.56 0.64
N ALA A 144 -22.11 12.58 1.51
CA ALA A 144 -20.92 13.01 2.24
C ALA A 144 -20.40 11.98 3.23
N ARG A 145 -21.26 11.07 3.66
CA ARG A 145 -20.90 10.09 4.67
C ARG A 145 -21.85 8.93 4.65
N LEU A 146 -21.66 8.05 3.69
CA LEU A 146 -22.45 6.82 3.59
C LEU A 146 -22.01 5.73 4.56
N ASN A 147 -20.82 5.92 5.11
CA ASN A 147 -20.24 5.01 6.06
C ASN A 147 -20.24 3.55 5.60
N THR A 148 -19.50 3.28 4.53
CA THR A 148 -19.30 1.92 4.05
C THR A 148 -17.94 1.38 4.51
N VAL A 149 -17.60 0.19 4.02
CA VAL A 149 -16.33 -0.43 4.38
C VAL A 149 -15.14 0.46 4.01
N LEU A 150 -15.28 1.32 3.00
CA LEU A 150 -14.21 2.29 2.71
C LEU A 150 -13.94 3.20 3.88
N ASP A 151 -14.99 3.66 4.55
CA ASP A 151 -14.78 4.56 5.68
C ASP A 151 -14.24 3.80 6.89
N VAL A 152 -14.72 2.58 7.10
CA VAL A 152 -14.27 1.75 8.20
C VAL A 152 -12.75 1.61 8.22
N VAL A 153 -12.14 1.27 7.09
CA VAL A 153 -10.68 1.10 7.07
C VAL A 153 -9.92 2.43 7.14
N GLU A 154 -10.47 3.48 6.54
CA GLU A 154 -9.89 4.83 6.62
C GLU A 154 -9.77 5.25 8.06
N GLU A 155 -10.90 5.24 8.77
CA GLU A 155 -11.00 5.76 10.11
C GLU A 155 -10.38 4.83 11.13
N GLU A 156 -10.76 3.56 11.09
CA GLU A 156 -10.25 2.63 12.10
C GLU A 156 -8.79 2.19 11.83
N CYS A 157 -8.39 2.09 10.56
CA CYS A 157 -7.07 1.53 10.20
C CYS A 157 -6.09 2.51 9.53
N GLY A 158 -6.50 3.76 9.34
CA GLY A 158 -5.60 4.81 8.86
C GLY A 158 -5.18 4.64 7.41
N ILE A 159 -6.03 4.00 6.62
CA ILE A 159 -5.72 3.71 5.22
C ILE A 159 -6.27 4.85 4.35
N SER A 160 -5.50 5.29 3.36
CA SER A 160 -5.94 6.39 2.53
C SER A 160 -6.88 5.91 1.42
N ILE A 161 -8.05 6.55 1.32
CA ILE A 161 -9.03 6.24 0.30
C ILE A 161 -8.88 7.25 -0.85
N GLU A 162 -7.86 8.10 -0.79
CA GLU A 162 -7.46 8.92 -1.93
C GLU A 162 -8.56 9.85 -2.41
N GLY A 163 -9.39 10.31 -1.48
CA GLY A 163 -10.44 11.25 -1.78
C GLY A 163 -11.65 10.73 -2.52
N VAL A 164 -11.70 9.46 -2.91
CA VAL A 164 -12.86 8.96 -3.69
C VAL A 164 -14.19 8.80 -2.90
N ASN A 165 -14.10 8.75 -1.56
CA ASN A 165 -15.28 8.54 -0.71
C ASN A 165 -15.76 9.85 -0.09
N THR A 166 -15.35 10.97 -0.68
CA THR A 166 -15.87 12.30 -0.34
C THR A 166 -16.73 12.81 -1.51
N PRO A 167 -17.63 13.79 -1.25
CA PRO A 167 -18.63 14.22 -2.24
C PRO A 167 -18.13 15.18 -3.31
N TYR A 168 -18.58 15.00 -4.55
CA TYR A 168 -18.24 15.90 -5.64
C TYR A 168 -19.50 16.42 -6.32
N LEU A 169 -19.43 17.68 -6.75
CA LEU A 169 -20.50 18.32 -7.49
C LEU A 169 -20.14 18.40 -8.94
N TYR A 170 -21.18 18.26 -9.79
CA TYR A 170 -21.06 18.32 -11.25
CA TYR A 170 -21.06 18.31 -11.24
C TYR A 170 -22.14 19.23 -11.83
N PHE A 171 -21.75 20.10 -12.76
CA PHE A 171 -22.74 20.95 -13.41
C PHE A 171 -22.66 20.67 -14.91
N GLY A 172 -23.74 20.13 -15.44
CA GLY A 172 -23.84 19.78 -16.86
C GLY A 172 -24.60 20.80 -17.68
N MET A 173 -24.42 20.70 -18.98
CA MET A 173 -25.32 21.34 -19.94
C MET A 173 -25.59 20.33 -21.06
N TRP A 174 -26.49 20.68 -21.97
CA TRP A 174 -26.83 19.80 -23.10
C TRP A 174 -25.57 19.31 -23.75
N LYS A 175 -25.53 18.01 -23.99
CA LYS A 175 -24.53 17.38 -24.83
C LYS A 175 -23.22 17.09 -24.11
N THR A 176 -23.12 17.42 -22.82
CA THR A 176 -21.92 17.05 -22.05
C THR A 176 -21.91 15.53 -21.89
N THR A 177 -20.75 14.96 -22.12
CA THR A 177 -20.56 13.53 -22.24
C THR A 177 -19.85 12.99 -21.01
N PHE A 178 -20.28 11.82 -20.56
CA PHE A 178 -19.42 11.01 -19.74
CA PHE A 178 -19.54 10.94 -19.66
C PHE A 178 -19.11 9.71 -20.47
N ALA A 179 -17.84 9.60 -20.81
CA ALA A 179 -17.34 8.50 -21.61
C ALA A 179 -17.37 7.13 -20.87
N TRP A 180 -17.17 6.03 -21.61
CA TRP A 180 -17.26 4.68 -21.04
C TRP A 180 -16.18 4.43 -19.98
N HIS A 181 -16.61 4.05 -18.80
CA HIS A 181 -15.71 3.74 -17.69
C HIS A 181 -16.37 2.87 -16.65
N THR A 182 -15.52 2.23 -15.87
CA THR A 182 -15.86 1.79 -14.53
C THR A 182 -15.22 2.75 -13.54
N GLU A 183 -15.56 2.64 -12.26
CA GLU A 183 -15.10 3.62 -11.30
C GLU A 183 -13.68 3.25 -10.95
N ASP A 184 -12.99 4.20 -10.31
CA ASP A 184 -11.67 3.96 -9.73
C ASP A 184 -11.69 2.71 -8.87
N MET A 185 -10.70 1.85 -9.06
CA MET A 185 -10.60 0.55 -8.34
C MET A 185 -11.84 -0.34 -8.53
N ASP A 186 -12.62 -0.06 -9.57
CA ASP A 186 -13.89 -0.73 -9.83
C ASP A 186 -14.84 -0.70 -8.64
N LEU A 187 -14.84 0.41 -7.92
CA LEU A 187 -15.76 0.63 -6.81
C LEU A 187 -17.18 0.83 -7.31
N TYR A 188 -18.11 0.89 -6.35
CA TYR A 188 -19.47 1.38 -6.59
C TYR A 188 -19.44 2.91 -6.69
N SER A 189 -20.49 3.48 -7.30
CA SER A 189 -20.73 4.91 -7.20
C SER A 189 -22.20 5.21 -6.93
N ILE A 190 -22.46 6.40 -6.39
CA ILE A 190 -23.81 6.87 -6.21
C ILE A 190 -23.89 8.31 -6.71
N ASN A 191 -24.95 8.62 -7.43
CA ASN A 191 -25.15 9.90 -8.05
C ASN A 191 -26.59 10.40 -7.77
N TYR A 192 -26.71 11.59 -7.16
CA TYR A 192 -28.01 12.18 -6.94
C TYR A 192 -28.14 13.38 -7.83
N LEU A 193 -29.21 13.45 -8.62
CA LEU A 193 -29.43 14.61 -9.50
C LEU A 193 -30.26 15.63 -8.73
N HIS A 194 -29.62 16.67 -8.21
CA HIS A 194 -30.29 17.65 -7.36
C HIS A 194 -31.38 18.46 -8.07
N PHE A 195 -31.01 19.14 -9.16
CA PHE A 195 -31.98 19.90 -9.93
C PHE A 195 -31.60 20.02 -11.38
N GLY A 196 -32.59 20.41 -12.20
CA GLY A 196 -32.35 20.75 -13.59
C GLY A 196 -32.67 19.59 -14.51
N GLU A 197 -32.02 19.55 -15.67
CA GLU A 197 -32.42 18.64 -16.73
C GLU A 197 -31.88 17.22 -16.50
N PRO A 198 -32.55 16.21 -17.09
CA PRO A 198 -32.14 14.82 -16.91
C PRO A 198 -30.76 14.42 -17.44
N LYS A 199 -30.26 13.29 -16.93
CA LYS A 199 -29.08 12.61 -17.45
C LYS A 199 -29.52 11.25 -17.99
N SER A 200 -29.11 10.93 -19.21
CA SER A 200 -29.25 9.58 -19.77
C SER A 200 -27.99 8.73 -19.56
N TRP A 201 -28.22 7.48 -19.19
CA TRP A 201 -27.15 6.56 -18.85
C TRP A 201 -27.24 5.35 -19.73
N TYR A 202 -26.07 4.83 -20.13
CA TYR A 202 -25.90 3.46 -20.63
C TYR A 202 -25.16 2.62 -19.59
N ALA A 203 -25.48 1.35 -19.50
CA ALA A 203 -24.74 0.44 -18.65
C ALA A 203 -24.62 -0.92 -19.30
N ILE A 204 -23.47 -1.54 -19.08
CA ILE A 204 -23.18 -2.87 -19.54
C ILE A 204 -23.03 -3.78 -18.30
N PRO A 205 -23.68 -4.94 -18.30
CA PRO A 205 -23.53 -5.87 -17.16
C PRO A 205 -22.06 -6.17 -16.85
N PRO A 206 -21.69 -6.20 -15.55
CA PRO A 206 -20.31 -6.57 -15.18
C PRO A 206 -19.86 -7.88 -15.83
N GLU A 207 -20.76 -8.85 -15.96
CA GLU A 207 -20.39 -10.11 -16.60
C GLU A 207 -19.96 -9.98 -18.07
N HIS A 208 -20.24 -8.83 -18.71
CA HIS A 208 -19.77 -8.55 -20.08
C HIS A 208 -18.72 -7.44 -20.20
N GLY A 209 -18.16 -7.00 -19.08
CA GLY A 209 -17.15 -5.95 -19.08
C GLY A 209 -15.93 -6.23 -19.93
N LYS A 210 -15.43 -7.46 -19.87
CA LYS A 210 -14.21 -7.83 -20.59
C LYS A 210 -14.45 -7.82 -22.09
N ARG A 211 -15.71 -7.98 -22.49
CA ARG A 211 -16.09 -7.99 -23.89
C ARG A 211 -16.16 -6.58 -24.44
N LEU A 212 -16.65 -5.63 -23.63
CA LEU A 212 -16.55 -4.22 -24.01
C LEU A 212 -15.08 -3.82 -24.15
N GLU A 213 -14.25 -4.24 -23.21
CA GLU A 213 -12.82 -3.90 -23.30
C GLU A 213 -12.19 -4.40 -24.58
N ARG A 214 -12.44 -5.65 -24.93
CA ARG A 214 -11.87 -6.23 -26.15
C ARG A 214 -12.33 -5.45 -27.40
N LEU A 215 -13.58 -5.02 -27.40
CA LEU A 215 -14.09 -4.26 -28.52
C LEU A 215 -13.48 -2.86 -28.59
N ALA A 216 -13.37 -2.19 -27.45
CA ALA A 216 -12.70 -0.89 -27.40
C ALA A 216 -11.26 -1.01 -27.93
N GLN A 217 -10.59 -2.09 -27.53
CA GLN A 217 -9.22 -2.35 -27.95
C GLN A 217 -9.12 -2.48 -29.47
N GLY A 218 -10.14 -3.09 -30.06
CA GLY A 218 -10.17 -3.27 -31.50
C GLY A 218 -10.37 -1.96 -32.25
N PHE A 219 -11.25 -1.11 -31.73
CA PHE A 219 -11.58 0.15 -32.38
C PHE A 219 -10.66 1.32 -32.01
N PHE A 220 -9.99 1.23 -30.88
CA PHE A 220 -9.12 2.31 -30.44
C PHE A 220 -7.72 1.75 -30.14
N PRO A 221 -7.10 1.09 -31.13
CA PRO A 221 -5.84 0.37 -30.90
C PRO A 221 -4.67 1.24 -30.41
N SER A 222 -4.59 2.48 -30.87
CA SER A 222 -3.54 3.38 -30.43
C SER A 222 -3.71 3.74 -28.96
N SER A 223 -4.92 4.11 -28.57
CA SER A 223 -5.21 4.39 -27.17
C SER A 223 -4.85 3.16 -26.31
N SER A 224 -5.09 1.98 -26.86
CA SER A 224 -4.87 0.73 -26.14
C SER A 224 -3.38 0.40 -26.01
N GLN A 225 -2.63 0.57 -27.10
CA GLN A 225 -1.19 0.35 -27.05
C GLN A 225 -0.56 1.24 -25.98
N GLY A 226 -1.09 2.46 -25.80
CA GLY A 226 -0.61 3.41 -24.82
C GLY A 226 -0.92 3.11 -23.35
N CYS A 227 -2.10 2.56 -23.07
CA CYS A 227 -2.47 2.28 -21.68
C CYS A 227 -3.32 1.00 -21.54
N ASP A 228 -2.89 0.12 -20.63
CA ASP A 228 -3.56 -1.12 -20.31
C ASP A 228 -4.98 -0.95 -19.77
N ALA A 229 -5.30 0.24 -19.25
CA ALA A 229 -6.61 0.57 -18.74
C ALA A 229 -7.04 1.94 -19.29
N PHE A 230 -6.83 2.17 -20.60
CA PHE A 230 -7.09 3.48 -21.23
C PHE A 230 -8.52 4.02 -21.03
N LEU A 231 -9.51 3.15 -20.99
CA LEU A 231 -10.89 3.58 -20.78
C LEU A 231 -11.04 4.41 -19.49
N ARG A 232 -10.19 4.12 -18.51
CA ARG A 232 -10.08 4.94 -17.31
C ARG A 232 -9.77 6.41 -17.57
N HIS A 233 -9.14 6.75 -18.70
CA HIS A 233 -8.96 8.17 -19.03
C HIS A 233 -10.29 8.92 -19.28
N LYS A 234 -11.40 8.17 -19.43
CA LYS A 234 -12.73 8.70 -19.72
C LYS A 234 -12.76 9.59 -20.97
N MET A 235 -12.12 9.13 -22.02
CA MET A 235 -12.10 9.90 -23.24
C MET A 235 -12.62 9.12 -24.44
N THR A 236 -13.13 7.90 -24.21
CA THR A 236 -13.56 7.00 -25.28
C THR A 236 -15.11 6.89 -25.34
N LEU A 237 -15.68 7.29 -26.48
CA LEU A 237 -17.15 7.27 -26.70
C LEU A 237 -17.47 6.18 -27.72
N ILE A 238 -18.46 5.38 -27.39
CA ILE A 238 -18.95 4.28 -28.25
C ILE A 238 -20.47 4.27 -28.19
N SER A 239 -21.12 4.40 -29.35
CA SER A 239 -22.57 4.56 -29.38
C SER A 239 -23.29 3.23 -29.19
N PRO A 240 -24.56 3.27 -28.75
CA PRO A 240 -25.34 2.03 -28.67
C PRO A 240 -25.49 1.30 -29.99
N SER A 241 -25.49 2.00 -31.13
CA SER A 241 -25.55 1.33 -32.43
C SER A 241 -24.35 0.41 -32.68
N VAL A 242 -23.17 0.86 -32.25
CA VAL A 242 -21.99 0.05 -32.37
C VAL A 242 -22.09 -1.14 -31.39
N LEU A 243 -22.48 -0.89 -30.15
CA LEU A 243 -22.59 -1.99 -29.18
C LEU A 243 -23.52 -3.11 -29.71
N LYS A 244 -24.68 -2.74 -30.26
CA LYS A 244 -25.64 -3.72 -30.80
C LYS A 244 -25.02 -4.53 -31.92
N LYS A 245 -24.40 -3.81 -32.85
CA LYS A 245 -23.75 -4.38 -33.99
C LYS A 245 -22.73 -5.47 -33.62
N TYR A 246 -21.97 -5.25 -32.54
CA TYR A 246 -20.88 -6.17 -32.14
C TYR A 246 -21.20 -7.06 -30.96
N GLY A 247 -22.48 -7.11 -30.59
CA GLY A 247 -22.99 -8.11 -29.68
C GLY A 247 -22.65 -7.85 -28.24
N ILE A 248 -22.51 -6.58 -27.87
CA ILE A 248 -22.30 -6.22 -26.47
C ILE A 248 -23.66 -5.87 -25.88
N PRO A 249 -24.12 -6.64 -24.88
CA PRO A 249 -25.38 -6.28 -24.25
C PRO A 249 -25.22 -5.03 -23.39
N PHE A 250 -26.27 -4.22 -23.37
CA PHE A 250 -26.33 -3.00 -22.61
C PHE A 250 -27.80 -2.62 -22.38
N ASP A 251 -28.03 -1.61 -21.56
CA ASP A 251 -29.37 -1.07 -21.34
C ASP A 251 -29.20 0.43 -21.12
N LYS A 252 -30.30 1.17 -21.25
CA LYS A 252 -30.27 2.60 -21.01
C LYS A 252 -31.42 2.99 -20.15
N ILE A 253 -31.27 4.15 -19.51
CA ILE A 253 -32.26 4.66 -18.60
C ILE A 253 -31.98 6.13 -18.45
N THR A 254 -33.03 6.88 -18.12
CA THR A 254 -32.89 8.31 -17.93
C THR A 254 -33.15 8.64 -16.49
N GLN A 255 -32.21 9.36 -15.90
CA GLN A 255 -32.31 9.78 -14.50
C GLN A 255 -32.87 11.20 -14.44
N GLU A 256 -33.97 11.40 -13.73
CA GLU A 256 -34.58 12.72 -13.56
C GLU A 256 -34.19 13.34 -12.27
N ALA A 257 -34.38 14.65 -12.17
CA ALA A 257 -34.10 15.37 -10.93
C ALA A 257 -34.76 14.68 -9.73
N GLY A 258 -34.04 14.57 -8.62
CA GLY A 258 -34.52 13.89 -7.44
C GLY A 258 -34.34 12.39 -7.42
N GLU A 259 -33.67 11.82 -8.43
CA GLU A 259 -33.44 10.37 -8.47
C GLU A 259 -31.98 10.04 -8.24
N PHE A 260 -31.74 8.90 -7.58
CA PHE A 260 -30.36 8.38 -7.42
C PHE A 260 -30.10 7.33 -8.47
N MET A 261 -28.85 7.28 -8.95
CA MET A 261 -28.35 6.18 -9.73
C MET A 261 -27.16 5.62 -8.96
N ILE A 262 -27.09 4.30 -8.93
CA ILE A 262 -26.02 3.60 -8.30
C ILE A 262 -25.36 2.74 -9.39
N THR A 263 -24.03 2.83 -9.49
CA THR A 263 -23.26 1.94 -10.37
C THR A 263 -22.61 0.86 -9.49
N PHE A 264 -22.46 -0.36 -10.02
CA PHE A 264 -21.94 -1.51 -9.27
C PHE A 264 -20.55 -1.90 -9.73
N PRO A 265 -19.80 -2.59 -8.86
CA PRO A 265 -18.45 -2.91 -9.28
C PRO A 265 -18.30 -3.51 -10.67
N TYR A 266 -17.40 -2.90 -11.43
CA TYR A 266 -17.07 -3.27 -12.82
C TYR A 266 -18.26 -3.20 -13.80
N GLY A 267 -19.25 -2.35 -13.49
CA GLY A 267 -20.35 -2.05 -14.38
C GLY A 267 -19.94 -0.88 -15.26
N TYR A 268 -19.56 -1.19 -16.49
CA TYR A 268 -19.18 -0.12 -17.40
C TYR A 268 -20.40 0.73 -17.67
N HIS A 269 -20.22 2.05 -17.57
CA HIS A 269 -21.28 3.00 -17.83
C HIS A 269 -20.79 4.26 -18.59
N ALA A 270 -21.74 4.95 -19.20
CA ALA A 270 -21.53 6.19 -19.94
C ALA A 270 -22.86 6.94 -20.09
N GLY A 271 -22.82 8.10 -20.69
CA GLY A 271 -24.06 8.85 -20.84
C GLY A 271 -23.90 10.30 -21.28
N PHE A 272 -25.00 11.04 -21.21
CA PHE A 272 -24.97 12.46 -21.60
C PHE A 272 -25.99 13.27 -20.85
N ASN A 273 -25.73 14.55 -20.64
CA ASN A 273 -26.72 15.40 -20.00
C ASN A 273 -27.66 16.02 -21.02
N HIS A 274 -28.94 16.16 -20.65
CA HIS A 274 -29.96 16.71 -21.50
C HIS A 274 -29.95 18.24 -21.54
N GLY A 275 -29.44 18.86 -20.48
CA GLY A 275 -29.44 20.30 -20.38
C GLY A 275 -28.82 20.70 -19.07
N PHE A 276 -29.01 21.95 -18.67
CA PHE A 276 -28.41 22.46 -17.46
C PHE A 276 -28.85 21.61 -16.29
N ASN A 277 -27.88 21.16 -15.49
CA ASN A 277 -28.21 20.44 -14.27
C ASN A 277 -27.11 20.44 -13.20
N CYS A 278 -27.46 19.89 -12.02
CA CYS A 278 -26.52 19.78 -10.91
C CYS A 278 -26.67 18.41 -10.22
N ALA A 279 -25.55 17.74 -10.06
CA ALA A 279 -25.52 16.44 -9.44
C ALA A 279 -24.38 16.33 -8.43
N GLU A 280 -24.51 15.38 -7.52
CA GLU A 280 -23.53 15.15 -6.48
C GLU A 280 -23.25 13.67 -6.47
N SER A 281 -21.98 13.30 -6.27
CA SER A 281 -21.60 11.90 -6.32
C SER A 281 -20.40 11.59 -5.44
N THR A 282 -20.19 10.29 -5.26
CA THR A 282 -19.09 9.76 -4.48
C THR A 282 -18.95 8.28 -4.81
N ASN A 283 -17.86 7.69 -4.35
CA ASN A 283 -17.63 6.27 -4.48
C ASN A 283 -17.75 5.61 -3.12
N PHE A 284 -18.11 4.33 -3.12
CA PHE A 284 -18.21 3.56 -1.90
C PHE A 284 -17.97 2.06 -2.21
N ALA A 285 -17.95 1.24 -1.17
CA ALA A 285 -17.69 -0.17 -1.33
C ALA A 285 -18.47 -1.00 -0.30
N THR A 286 -18.65 -2.27 -0.62
CA THR A 286 -19.21 -3.27 0.28
C THR A 286 -18.21 -4.39 0.26
N VAL A 287 -18.44 -5.41 1.08
CA VAL A 287 -17.57 -6.61 1.13
C VAL A 287 -17.46 -7.30 -0.24
N ARG A 288 -18.57 -7.33 -0.98
CA ARG A 288 -18.61 -7.98 -2.29
C ARG A 288 -17.62 -7.32 -3.28
N TRP A 289 -17.34 -6.02 -3.11
CA TRP A 289 -16.37 -5.29 -3.93
C TRP A 289 -14.93 -5.77 -3.82
N ILE A 290 -14.57 -6.34 -2.69
CA ILE A 290 -13.18 -6.57 -2.37
C ILE A 290 -12.53 -7.44 -3.45
N ASP A 291 -13.23 -8.48 -3.86
CA ASP A 291 -12.75 -9.33 -4.94
C ASP A 291 -12.51 -8.61 -6.27
N TYR A 292 -13.33 -7.61 -6.60
CA TYR A 292 -13.09 -6.80 -7.79
C TYR A 292 -11.87 -5.89 -7.62
N GLY A 293 -11.80 -5.20 -6.49
CA GLY A 293 -10.66 -4.33 -6.16
C GLY A 293 -9.32 -5.02 -6.29
N LYS A 294 -9.24 -6.25 -5.78
CA LYS A 294 -8.06 -7.12 -5.91
C LYS A 294 -7.62 -7.42 -7.34
N VAL A 295 -8.54 -7.38 -8.32
CA VAL A 295 -8.13 -7.71 -9.69
C VAL A 295 -8.30 -6.52 -10.64
N ALA A 296 -8.52 -5.33 -10.10
CA ALA A 296 -8.83 -4.19 -10.96
C ALA A 296 -7.62 -3.79 -11.81
N LYS A 297 -7.86 -3.62 -13.10
CA LYS A 297 -6.82 -3.26 -14.07
C LYS A 297 -6.58 -1.75 -13.94
N LEU A 298 -5.38 -1.33 -13.61
CA LEU A 298 -5.12 0.09 -13.34
C LEU A 298 -4.39 0.83 -14.48
N CYS A 299 -4.53 2.15 -14.49
CA CYS A 299 -3.92 3.02 -15.51
C CYS A 299 -2.42 2.98 -15.31
N THR A 300 -1.67 2.58 -16.36
CA THR A 300 -0.24 2.36 -16.28
C THR A 300 0.55 3.44 -17.03
N CYS A 301 -0.02 4.64 -17.18
CA CYS A 301 0.55 5.67 -18.05
C CYS A 301 0.54 7.10 -17.49
N ARG A 302 0.15 7.29 -16.23
CA ARG A 302 0.36 8.56 -15.52
C ARG A 302 0.21 8.35 -14.02
N LYS A 303 1.12 8.90 -13.23
CA LYS A 303 1.19 8.59 -11.79
C LYS A 303 0.05 9.25 -10.97
N ASP A 304 -0.57 10.28 -11.53
CA ASP A 304 -1.75 10.90 -10.93
C ASP A 304 -3.01 10.09 -11.26
N MET A 305 -3.12 8.90 -10.67
CA MET A 305 -4.35 8.11 -10.74
C MET A 305 -4.61 7.50 -9.38
N VAL A 306 -5.82 6.98 -9.19
CA VAL A 306 -6.21 6.47 -7.90
C VAL A 306 -5.89 4.98 -7.75
N LYS A 307 -5.07 4.67 -6.77
CA LYS A 307 -4.77 3.32 -6.42
C LYS A 307 -4.94 3.22 -4.93
N ILE A 308 -5.71 2.21 -4.49
CA ILE A 308 -5.97 1.97 -3.08
C ILE A 308 -5.46 0.58 -2.80
N SER A 309 -4.68 0.49 -1.74
CA SER A 309 -4.14 -0.76 -1.27
C SER A 309 -5.23 -1.68 -0.73
N MET A 310 -5.27 -2.91 -1.23
CA MET A 310 -6.30 -3.90 -0.90
C MET A 310 -5.96 -4.79 0.29
N ASP A 311 -4.73 -4.66 0.75
CA ASP A 311 -4.22 -5.45 1.84
C ASP A 311 -5.15 -5.46 3.06
N ILE A 312 -5.51 -4.28 3.57
CA ILE A 312 -6.40 -4.17 4.74
C ILE A 312 -7.77 -4.85 4.56
N PHE A 313 -8.35 -4.74 3.37
CA PHE A 313 -9.67 -5.27 3.12
C PHE A 313 -9.60 -6.76 3.13
N VAL A 314 -8.50 -7.32 2.63
CA VAL A 314 -8.38 -8.77 2.56
C VAL A 314 -8.11 -9.31 3.97
N ARG A 315 -7.17 -8.67 4.67
N ARG A 315 -7.18 -8.67 4.67
CA ARG A 315 -6.85 -9.06 6.03
CA ARG A 315 -6.86 -9.09 6.02
C ARG A 315 -8.08 -9.03 6.94
C ARG A 315 -8.09 -9.04 6.95
N LYS A 316 -8.83 -7.94 6.90
CA LYS A 316 -10.01 -7.77 7.77
C LYS A 316 -11.25 -8.60 7.39
N PHE A 317 -11.62 -8.57 6.11
CA PHE A 317 -12.87 -9.19 5.66
C PHE A 317 -12.70 -10.52 4.93
N GLN A 318 -11.47 -10.92 4.60
CA GLN A 318 -11.22 -12.21 3.95
C GLN A 318 -10.07 -12.92 4.63
N PRO A 319 -10.11 -13.00 5.98
CA PRO A 319 -8.98 -13.53 6.72
C PRO A 319 -8.62 -14.96 6.34
N ASP A 320 -9.59 -15.74 5.87
CA ASP A 320 -9.30 -17.12 5.49
C ASP A 320 -8.50 -17.21 4.19
N ARG A 321 -8.48 -16.12 3.41
CA ARG A 321 -7.78 -16.08 2.12
C ARG A 321 -6.53 -15.21 2.12
N TYR A 322 -6.23 -14.53 3.24
CA TYR A 322 -5.21 -13.50 3.24
C TYR A 322 -3.82 -14.01 2.91
N GLN A 323 -3.44 -15.12 3.52
CA GLN A 323 -2.10 -15.72 3.32
C GLN A 323 -1.97 -16.13 1.86
N LEU A 324 -2.97 -16.87 1.39
CA LEU A 324 -3.06 -17.29 -0.02
C LEU A 324 -2.89 -16.12 -0.95
N TRP A 325 -3.56 -15.04 -0.61
CA TRP A 325 -3.57 -13.88 -1.44
C TRP A 325 -2.19 -13.23 -1.45
N LYS A 326 -1.55 -13.11 -0.30
CA LYS A 326 -0.23 -12.50 -0.25
C LYS A 326 0.82 -13.39 -0.91
N GLN A 327 0.53 -14.68 -1.00
CA GLN A 327 1.36 -15.57 -1.78
C GLN A 327 1.15 -15.41 -3.27
N GLY A 328 0.12 -14.66 -3.67
CA GLY A 328 -0.22 -14.55 -5.08
C GLY A 328 -0.81 -15.84 -5.61
N LYS A 329 -1.45 -16.62 -4.75
CA LYS A 329 -2.14 -17.84 -5.13
C LYS A 329 -3.66 -17.77 -4.88
N ASP A 330 -4.19 -16.57 -4.66
CA ASP A 330 -5.63 -16.36 -4.54
C ASP A 330 -6.14 -16.00 -5.93
N ILE A 331 -6.30 -17.02 -6.75
CA ILE A 331 -6.64 -16.87 -8.16
C ILE A 331 -8.04 -17.41 -8.29
N TYR A 332 -8.92 -16.63 -8.89
CA TYR A 332 -10.32 -16.97 -8.96
C TYR A 332 -10.90 -16.26 -10.14
N THR A 333 -12.11 -16.64 -10.53
CA THR A 333 -12.87 -15.87 -11.51
C THR A 333 -14.13 -15.41 -10.78
N ILE A 334 -14.47 -14.13 -10.89
CA ILE A 334 -15.58 -13.57 -10.15
C ILE A 334 -16.89 -14.09 -10.74
N ASP A 335 -17.79 -14.52 -9.88
CA ASP A 335 -19.17 -14.78 -10.25
C ASP A 335 -19.96 -13.50 -10.03
N HIS A 336 -20.28 -12.79 -11.12
CA HIS A 336 -20.92 -11.47 -11.03
C HIS A 336 -22.40 -11.47 -10.62
N THR A 337 -23.01 -12.65 -10.58
CA THR A 337 -24.42 -12.72 -10.25
C THR A 337 -24.64 -12.83 -8.73
N LYS A 338 -23.60 -13.17 -8.00
CA LYS A 338 -23.76 -13.67 -6.65
C LYS A 338 -23.30 -12.66 -5.59
N LEU B 1 23.37 14.85 5.63
CA LEU B 1 23.68 15.27 7.03
C LEU B 1 22.59 14.78 8.01
N ASN B 2 21.36 14.56 7.53
CA ASN B 2 20.28 13.90 8.30
C ASN B 2 20.34 14.25 9.80
N PRO B 3 20.17 15.55 10.14
CA PRO B 3 20.45 15.98 11.52
C PRO B 3 19.46 15.43 12.57
N SER B 4 18.27 15.02 12.16
CA SER B 4 17.36 14.37 13.10
C SER B 4 17.72 12.90 13.43
N CYS B 5 18.68 12.32 12.69
CA CYS B 5 19.06 10.92 12.85
C CYS B 5 17.85 9.99 12.71
N LYS B 6 16.90 10.37 11.86
CA LYS B 6 15.74 9.51 11.63
C LYS B 6 16.11 8.47 10.58
N ILE B 7 15.44 7.32 10.64
CA ILE B 7 15.72 6.23 9.71
C ILE B 7 15.27 6.60 8.30
N MET B 8 16.18 6.48 7.34
CA MET B 8 15.90 6.87 5.98
C MET B 8 15.48 5.68 5.14
N THR B 9 14.59 5.93 4.17
CA THR B 9 14.13 4.92 3.22
C THR B 9 14.59 5.33 1.83
N PHE B 10 15.30 4.43 1.13
CA PHE B 10 15.82 4.71 -0.20
C PHE B 10 15.04 3.97 -1.30
N ARG B 11 14.83 4.65 -2.42
CA ARG B 11 14.14 4.07 -3.57
C ARG B 11 14.99 4.19 -4.84
N PRO B 12 16.07 3.41 -4.92
CA PRO B 12 16.94 3.43 -6.10
C PRO B 12 16.23 3.05 -7.39
N SER B 13 16.64 3.64 -8.50
CA SER B 13 16.22 3.13 -9.82
C SER B 13 17.06 1.89 -10.11
N MET B 14 16.71 1.14 -11.15
CA MET B 14 17.50 -0.04 -11.50
C MET B 14 18.98 0.31 -11.67
N GLU B 15 19.23 1.46 -12.27
CA GLU B 15 20.56 1.89 -12.63
C GLU B 15 21.34 2.25 -11.36
N GLU B 16 20.68 2.93 -10.43
CA GLU B 16 21.27 3.20 -9.11
C GLU B 16 21.48 1.93 -8.29
N PHE B 17 20.60 0.95 -8.45
CA PHE B 17 20.58 -0.26 -7.64
C PHE B 17 21.68 -1.25 -7.99
N ARG B 18 22.08 -1.31 -9.27
CA ARG B 18 22.96 -2.39 -9.76
CA ARG B 18 22.96 -2.38 -9.76
C ARG B 18 24.18 -2.61 -8.86
N GLU B 19 24.86 -1.52 -8.46
CA GLU B 19 26.09 -1.65 -7.67
C GLU B 19 25.92 -1.33 -6.19
N PHE B 20 25.67 -2.37 -5.40
CA PHE B 20 25.54 -2.24 -3.95
C PHE B 20 26.62 -1.37 -3.30
N ASN B 21 27.89 -1.72 -3.57
CA ASN B 21 29.00 -1.06 -2.93
C ASN B 21 28.94 0.45 -3.18
N LYS B 22 28.72 0.83 -4.42
CA LYS B 22 28.51 2.23 -4.81
C LYS B 22 27.26 2.84 -4.19
N TYR B 23 26.16 2.08 -4.13
CA TYR B 23 24.94 2.64 -3.55
C TYR B 23 25.05 2.89 -2.03
N LEU B 24 25.76 2.04 -1.31
CA LEU B 24 25.92 2.26 0.12
C LEU B 24 26.66 3.54 0.38
N ALA B 25 27.69 3.81 -0.41
CA ALA B 25 28.46 5.04 -0.27
C ALA B 25 27.56 6.25 -0.46
N TYR B 26 26.77 6.23 -1.54
CA TYR B 26 25.73 7.22 -1.72
C TYR B 26 24.82 7.37 -0.48
N MET B 27 24.37 6.26 0.08
CA MET B 27 23.45 6.32 1.25
C MET B 27 24.09 7.04 2.43
N GLU B 28 25.37 6.76 2.71
CA GLU B 28 26.08 7.46 3.77
C GLU B 28 26.37 8.93 3.42
N SER B 29 26.51 9.22 2.14
CA SER B 29 26.66 10.60 1.68
C SER B 29 25.40 11.43 1.98
N LYS B 30 24.23 10.79 2.09
CA LYS B 30 22.99 11.45 2.54
C LYS B 30 22.69 11.32 4.05
N GLY B 31 23.65 10.78 4.81
CA GLY B 31 23.52 10.68 6.27
C GLY B 31 22.70 9.51 6.78
N ALA B 32 22.51 8.48 5.96
CA ALA B 32 21.71 7.30 6.36
C ALA B 32 22.23 6.64 7.67
N HIS B 33 23.54 6.50 7.76
CA HIS B 33 24.22 5.90 8.93
C HIS B 33 23.92 6.54 10.27
N ARG B 34 23.55 7.82 10.30
CA ARG B 34 23.34 8.53 11.56
C ARG B 34 22.19 7.95 12.39
N ALA B 35 21.23 7.31 11.74
CA ALA B 35 20.12 6.67 12.45
C ALA B 35 20.46 5.25 12.92
N GLY B 36 21.54 4.69 12.39
CA GLY B 36 21.97 3.35 12.74
C GLY B 36 21.32 2.29 11.89
N LEU B 37 20.27 2.66 11.16
CA LEU B 37 19.49 1.73 10.35
C LEU B 37 18.92 2.48 9.15
N ALA B 38 18.83 1.80 8.01
CA ALA B 38 18.22 2.37 6.81
C ALA B 38 17.48 1.29 6.04
N LYS B 39 16.49 1.71 5.27
CA LYS B 39 15.73 0.82 4.41
C LYS B 39 16.05 1.11 2.92
N VAL B 40 16.08 0.05 2.11
CA VAL B 40 16.27 0.21 0.69
C VAL B 40 15.22 -0.65 0.03
N ILE B 41 14.38 0.01 -0.77
CA ILE B 41 13.33 -0.62 -1.51
C ILE B 41 13.87 -0.76 -2.94
N PRO B 42 14.10 -2.02 -3.36
CA PRO B 42 14.57 -2.23 -4.73
C PRO B 42 13.49 -1.88 -5.74
N PRO B 43 13.88 -1.51 -6.97
CA PRO B 43 12.86 -1.30 -7.98
C PRO B 43 12.04 -2.56 -8.22
N LYS B 44 10.76 -2.35 -8.54
CA LYS B 44 9.72 -3.36 -8.61
C LYS B 44 10.06 -4.58 -9.46
N GLU B 45 10.77 -4.37 -10.56
CA GLU B 45 11.11 -5.47 -11.47
C GLU B 45 12.37 -6.27 -11.08
N TRP B 46 12.98 -5.98 -9.93
CA TRP B 46 14.06 -6.82 -9.44
C TRP B 46 13.51 -7.90 -8.54
N LYS B 47 13.88 -9.14 -8.83
CA LYS B 47 13.44 -10.29 -8.04
C LYS B 47 14.60 -11.25 -7.84
N PRO B 48 15.03 -11.45 -6.58
CA PRO B 48 16.16 -12.36 -6.34
C PRO B 48 15.82 -13.85 -6.57
N ARG B 49 14.56 -14.25 -6.41
CA ARG B 49 14.17 -15.64 -6.70
C ARG B 49 12.78 -15.68 -7.31
N GLN B 50 12.65 -16.35 -8.46
CA GLN B 50 11.42 -16.35 -9.23
C GLN B 50 10.27 -17.04 -8.50
N CYS B 51 10.54 -18.23 -7.96
CA CYS B 51 9.53 -18.98 -7.21
C CYS B 51 10.06 -19.37 -5.81
N TYR B 52 9.24 -19.22 -4.78
CA TYR B 52 9.59 -19.61 -3.42
C TYR B 52 9.02 -20.96 -2.96
N ASP B 53 8.29 -21.64 -3.84
CA ASP B 53 7.58 -22.86 -3.44
C ASP B 53 8.48 -23.97 -2.84
N ASP B 54 9.68 -24.18 -3.40
CA ASP B 54 10.66 -25.14 -2.85
C ASP B 54 11.05 -24.92 -1.39
N ILE B 55 10.99 -23.68 -0.94
CA ILE B 55 11.53 -23.37 0.37
C ILE B 55 10.83 -24.12 1.50
N ASP B 56 9.56 -24.51 1.30
CA ASP B 56 8.84 -25.41 2.22
C ASP B 56 9.61 -26.70 2.63
N ASN B 57 10.44 -27.23 1.71
CA ASN B 57 11.26 -28.44 1.98
C ASN B 57 12.65 -28.17 2.55
N LEU B 58 12.85 -27.01 3.15
CA LEU B 58 14.07 -26.77 3.93
C LEU B 58 13.91 -27.33 5.32
N LEU B 59 14.99 -27.89 5.85
CA LEU B 59 15.04 -28.24 7.24
C LEU B 59 15.35 -27.00 8.06
N ILE B 60 14.77 -26.94 9.24
CA ILE B 60 15.17 -25.99 10.27
C ILE B 60 15.73 -26.88 11.36
N PRO B 61 17.06 -27.09 11.36
CA PRO B 61 17.67 -28.07 12.25
C PRO B 61 17.38 -27.82 13.73
N ALA B 62 17.33 -26.54 14.14
CA ALA B 62 17.34 -26.20 15.55
C ALA B 62 16.37 -25.09 15.88
N PRO B 63 15.07 -25.34 15.74
CA PRO B 63 14.13 -24.29 16.10
C PRO B 63 14.25 -23.94 17.58
N ILE B 64 14.04 -22.68 17.90
CA ILE B 64 14.19 -22.17 19.24
C ILE B 64 12.87 -21.64 19.76
N GLN B 65 12.41 -22.16 20.90
CA GLN B 65 11.30 -21.53 21.61
C GLN B 65 11.87 -20.42 22.48
N GLN B 66 11.38 -19.20 22.31
CA GLN B 66 11.84 -18.06 23.12
C GLN B 66 10.99 -17.88 24.34
N MET B 67 11.65 -17.96 25.49
CA MET B 67 11.01 -17.82 26.78
C MET B 67 11.41 -16.48 27.35
N VAL B 68 10.46 -15.57 27.41
CA VAL B 68 10.68 -14.21 27.86
C VAL B 68 10.15 -14.05 29.26
N THR B 69 10.85 -13.32 30.09
CA THR B 69 10.36 -13.12 31.42
C THR B 69 10.71 -11.71 31.92
N GLY B 70 9.74 -11.06 32.56
CA GLY B 70 9.94 -9.72 33.08
C GLY B 70 8.65 -8.95 33.10
N GLN B 71 8.75 -7.65 33.31
CA GLN B 71 7.56 -6.81 33.37
C GLN B 71 7.87 -5.36 33.13
N SER B 72 6.81 -4.65 32.78
CA SER B 72 6.83 -3.21 32.54
C SER B 72 8.03 -2.78 31.67
N GLY B 73 8.09 -3.37 30.49
CA GLY B 73 9.02 -2.97 29.44
C GLY B 73 10.42 -3.53 29.55
N LEU B 74 10.72 -4.29 30.60
CA LEU B 74 12.06 -4.85 30.82
C LEU B 74 12.01 -6.36 30.94
N PHE B 75 12.67 -7.05 30.02
CA PHE B 75 12.55 -8.50 29.91
C PHE B 75 13.90 -9.16 29.64
N THR B 76 14.03 -10.40 30.10
CA THR B 76 15.16 -11.26 29.77
C THR B 76 14.65 -12.51 29.05
N GLN B 77 15.49 -13.08 28.20
CA GLN B 77 15.06 -14.14 27.31
C GLN B 77 15.96 -15.36 27.40
N TYR B 78 15.39 -16.56 27.46
CA TYR B 78 16.20 -17.75 27.32
C TYR B 78 15.58 -18.65 26.30
N ASN B 79 16.43 -19.49 25.70
CA ASN B 79 16.04 -20.31 24.59
C ASN B 79 15.85 -21.74 25.00
N ILE B 80 14.89 -22.40 24.39
CA ILE B 80 14.73 -23.84 24.50
C ILE B 80 14.80 -24.42 23.10
N GLN B 81 15.81 -25.26 22.87
CA GLN B 81 16.00 -25.90 21.59
C GLN B 81 14.88 -26.92 21.39
N LYS B 82 14.31 -26.94 20.20
CA LYS B 82 13.20 -27.81 19.93
C LYS B 82 13.57 -28.74 18.81
N LYS B 83 12.89 -29.88 18.83
CA LYS B 83 12.71 -30.77 17.68
C LYS B 83 12.93 -30.09 16.34
N ALA B 84 13.75 -30.68 15.47
CA ALA B 84 13.95 -30.19 14.10
C ALA B 84 12.62 -30.24 13.31
N MET B 85 12.58 -29.49 12.22
CA MET B 85 11.31 -29.13 11.59
C MET B 85 11.52 -28.67 10.15
N THR B 86 10.58 -28.98 9.26
CA THR B 86 10.62 -28.42 7.91
C THR B 86 9.97 -27.05 7.93
N VAL B 87 10.31 -26.22 6.96
CA VAL B 87 9.66 -24.92 6.81
C VAL B 87 8.13 -25.12 6.76
N LYS B 88 7.68 -26.04 5.91
CA LYS B 88 6.27 -26.37 5.82
C LYS B 88 5.67 -26.58 7.20
N GLU B 89 6.22 -27.53 7.95
CA GLU B 89 5.70 -27.82 9.28
C GLU B 89 5.69 -26.57 10.14
N PHE B 90 6.74 -25.75 10.00
CA PHE B 90 6.86 -24.49 10.73
C PHE B 90 5.82 -23.45 10.28
N ARG B 91 5.63 -23.30 8.98
CA ARG B 91 4.63 -22.37 8.49
C ARG B 91 3.24 -22.74 9.03
N GLN B 92 2.90 -24.02 8.93
CA GLN B 92 1.59 -24.50 9.39
C GLN B 92 1.45 -24.25 10.90
N LEU B 93 2.53 -24.47 11.65
CA LEU B 93 2.53 -24.17 13.08
C LEU B 93 2.36 -22.67 13.31
N ALA B 94 3.05 -21.83 12.53
CA ALA B 94 2.93 -20.38 12.68
C ALA B 94 1.52 -19.86 12.41
N ASN B 95 0.81 -20.53 11.51
CA ASN B 95 -0.51 -20.09 11.13
C ASN B 95 -1.60 -20.69 11.98
N SER B 96 -1.26 -21.60 12.89
CA SER B 96 -2.26 -22.18 13.77
C SER B 96 -2.70 -21.13 14.78
N GLY B 97 -3.92 -21.32 15.31
CA GLY B 97 -4.50 -20.38 16.26
C GLY B 97 -3.63 -20.09 17.47
N LYS B 98 -2.90 -21.10 17.94
CA LYS B 98 -2.02 -20.89 19.09
C LYS B 98 -0.97 -19.82 18.84
N TYR B 99 -0.42 -19.76 17.64
CA TYR B 99 0.76 -18.96 17.30
C TYR B 99 0.56 -17.86 16.29
N CYS B 100 -0.61 -17.76 15.66
CA CYS B 100 -0.81 -16.83 14.56
C CYS B 100 -0.87 -15.38 15.02
N THR B 101 -0.56 -14.45 14.12
CA THR B 101 -0.71 -13.02 14.39
C THR B 101 -2.10 -12.76 15.00
N PRO B 102 -2.23 -11.82 15.95
CA PRO B 102 -3.55 -11.49 16.46
C PRO B 102 -4.24 -10.58 15.46
N ARG B 103 -5.55 -10.39 15.60
CA ARG B 103 -6.23 -9.34 14.84
C ARG B 103 -5.65 -8.00 15.30
N TYR B 104 -5.51 -7.04 14.39
CA TYR B 104 -5.02 -5.72 14.76
C TYR B 104 -5.53 -4.70 13.77
N LEU B 105 -5.43 -3.42 14.14
CA LEU B 105 -5.90 -2.33 13.29
C LEU B 105 -4.81 -1.90 12.32
N ASP B 106 -3.66 -1.53 12.85
CA ASP B 106 -2.55 -1.02 12.07
C ASP B 106 -1.26 -1.40 12.83
N TYR B 107 -0.11 -1.04 12.25
CA TYR B 107 1.16 -1.48 12.78
C TYR B 107 1.40 -0.98 14.19
N GLU B 108 0.92 0.23 14.52
CA GLU B 108 1.00 0.76 15.87
C GLU B 108 0.23 -0.11 16.84
N ASP B 109 -0.98 -0.48 16.47
CA ASP B 109 -1.80 -1.37 17.31
C ASP B 109 -1.09 -2.73 17.56
N LEU B 110 -0.47 -3.29 16.51
CA LEU B 110 0.19 -4.58 16.65
C LEU B 110 1.42 -4.51 17.55
N GLU B 111 2.13 -3.38 17.49
CA GLU B 111 3.28 -3.10 18.36
C GLU B 111 2.82 -3.11 19.82
N ARG B 112 1.70 -2.45 20.10
CA ARG B 112 1.18 -2.47 21.47
C ARG B 112 0.90 -3.91 21.94
N LYS B 113 0.31 -4.70 21.07
N LYS B 113 0.31 -4.70 21.07
CA LYS B 113 -0.03 -6.09 21.37
CA LYS B 113 -0.04 -6.09 21.39
C LYS B 113 1.21 -6.96 21.61
C LYS B 113 1.21 -6.97 21.60
N TYR B 114 2.28 -6.69 20.87
CA TYR B 114 3.56 -7.37 21.12
C TYR B 114 4.07 -7.18 22.55
N TRP B 115 4.19 -5.93 22.96
CA TRP B 115 4.68 -5.61 24.32
C TRP B 115 3.72 -6.06 25.41
N LYS B 116 2.41 -6.06 25.12
CA LYS B 116 1.39 -6.54 26.06
C LYS B 116 1.30 -8.09 26.24
N ASN B 117 1.71 -8.85 25.21
CA ASN B 117 1.54 -10.32 25.20
C ASN B 117 2.82 -11.16 25.16
N LEU B 118 3.95 -10.48 25.28
CA LEU B 118 5.27 -11.10 25.33
C LEU B 118 5.42 -12.31 26.24
N THR B 119 4.80 -12.25 27.42
CA THR B 119 4.96 -13.29 28.42
C THR B 119 3.85 -14.32 28.48
N PHE B 120 2.99 -14.36 27.45
CA PHE B 120 2.03 -15.46 27.36
C PHE B 120 2.62 -16.54 26.47
N VAL B 121 2.03 -16.89 25.34
CA VAL B 121 2.56 -18.01 24.54
C VAL B 121 3.99 -17.73 24.01
N ALA B 122 4.82 -18.77 24.02
CA ALA B 122 6.24 -18.67 23.66
C ALA B 122 6.45 -18.93 22.18
N PRO B 123 6.94 -17.94 21.44
CA PRO B 123 7.09 -18.18 20.01
C PRO B 123 8.34 -19.02 19.66
N ILE B 124 8.32 -19.61 18.47
CA ILE B 124 9.38 -20.48 18.00
C ILE B 124 9.93 -19.85 16.72
N TYR B 125 11.26 -19.74 16.62
CA TYR B 125 11.91 -19.27 15.40
C TYR B 125 13.01 -20.21 14.93
N GLY B 126 13.28 -20.18 13.62
CA GLY B 126 14.44 -20.83 13.03
C GLY B 126 15.41 -19.74 12.65
N ALA B 127 16.68 -19.91 13.01
CA ALA B 127 17.68 -18.87 12.76
C ALA B 127 19.02 -19.50 12.50
N ASP B 128 19.99 -18.70 12.06
CA ASP B 128 21.38 -19.14 11.82
C ASP B 128 21.51 -20.37 10.91
N ILE B 129 20.62 -20.45 9.94
CA ILE B 129 20.66 -21.47 8.92
C ILE B 129 21.64 -20.99 7.86
N ASN B 130 22.67 -21.78 7.59
CA ASN B 130 23.60 -21.48 6.51
C ASN B 130 22.93 -21.69 5.17
N GLY B 131 22.93 -20.65 4.35
CA GLY B 131 22.29 -20.72 3.05
C GLY B 131 21.81 -19.37 2.58
N SER B 132 21.71 -19.26 1.26
CA SER B 132 21.08 -18.15 0.59
C SER B 132 19.99 -18.78 -0.26
N ILE B 133 18.90 -18.06 -0.50
CA ILE B 133 17.89 -18.56 -1.43
C ILE B 133 17.71 -17.66 -2.66
N TYR B 134 18.73 -16.84 -2.96
CA TYR B 134 18.79 -16.19 -4.27
C TYR B 134 18.91 -17.25 -5.35
N ASP B 135 18.28 -17.01 -6.50
CA ASP B 135 18.58 -17.83 -7.66
C ASP B 135 20.04 -17.62 -8.11
N GLU B 136 20.59 -18.61 -8.78
CA GLU B 136 21.95 -18.52 -9.29
C GLU B 136 22.03 -17.44 -10.34
N GLY B 137 23.18 -16.77 -10.40
CA GLY B 137 23.39 -15.70 -11.38
C GLY B 137 22.51 -14.48 -11.18
N VAL B 138 22.09 -14.23 -9.95
CA VAL B 138 21.51 -12.95 -9.59
C VAL B 138 22.68 -12.17 -9.02
N ASP B 139 23.10 -11.11 -9.70
CA ASP B 139 24.36 -10.46 -9.36
C ASP B 139 24.19 -9.19 -8.53
N GLU B 140 23.00 -8.59 -8.55
CA GLU B 140 22.77 -7.36 -7.77
C GLU B 140 22.41 -7.70 -6.34
N TRP B 141 23.06 -7.00 -5.40
CA TRP B 141 22.76 -7.12 -3.97
C TRP B 141 22.76 -8.55 -3.46
N ASN B 142 23.70 -9.33 -4.00
CA ASN B 142 23.79 -10.72 -3.61
C ASN B 142 24.47 -10.81 -2.28
N ILE B 143 23.69 -11.20 -1.28
CA ILE B 143 24.10 -11.26 0.11
C ILE B 143 25.18 -12.33 0.32
N ALA B 144 25.18 -13.34 -0.56
CA ALA B 144 26.22 -14.35 -0.55
C ALA B 144 27.57 -13.85 -1.07
N ARG B 145 27.60 -12.74 -1.82
CA ARG B 145 28.86 -12.21 -2.40
C ARG B 145 28.84 -10.69 -2.51
N LEU B 146 28.80 -10.03 -1.36
CA LEU B 146 28.77 -8.57 -1.36
C LEU B 146 30.13 -8.00 -1.73
N ASN B 147 31.17 -8.79 -1.49
CA ASN B 147 32.52 -8.39 -1.84
C ASN B 147 32.86 -7.04 -1.25
N THR B 148 33.00 -7.02 0.07
CA THR B 148 33.45 -5.83 0.80
C THR B 148 34.80 -6.14 1.45
N VAL B 149 35.22 -5.25 2.34
CA VAL B 149 36.56 -5.29 2.89
C VAL B 149 36.81 -6.56 3.71
N LEU B 150 35.73 -7.17 4.22
CA LEU B 150 35.83 -8.47 4.90
C LEU B 150 36.28 -9.58 3.96
N ASP B 151 35.72 -9.60 2.75
CA ASP B 151 36.05 -10.65 1.79
C ASP B 151 37.51 -10.49 1.36
N VAL B 152 37.96 -9.24 1.28
CA VAL B 152 39.26 -8.94 0.72
C VAL B 152 40.33 -9.54 1.64
N VAL B 153 40.33 -9.13 2.90
CA VAL B 153 41.31 -9.63 3.87
C VAL B 153 41.30 -11.16 4.04
N GLU B 154 40.09 -11.73 4.06
CA GLU B 154 39.91 -13.17 4.18
C GLU B 154 40.56 -13.91 3.02
N GLU B 155 40.18 -13.54 1.79
CA GLU B 155 40.66 -14.23 0.59
C GLU B 155 42.13 -13.91 0.28
N GLU B 156 42.50 -12.62 0.30
CA GLU B 156 43.89 -12.27 -0.10
C GLU B 156 44.91 -12.48 1.03
N CYS B 157 44.49 -12.35 2.28
CA CYS B 157 45.41 -12.44 3.42
C CYS B 157 45.20 -13.66 4.34
N GLY B 158 44.14 -14.44 4.11
CA GLY B 158 43.89 -15.65 4.88
C GLY B 158 43.42 -15.40 6.29
N ILE B 159 42.77 -14.26 6.51
CA ILE B 159 42.27 -13.92 7.85
C ILE B 159 40.89 -14.58 8.07
N SER B 160 40.66 -15.07 9.28
CA SER B 160 39.41 -15.73 9.63
C SER B 160 38.32 -14.71 9.93
N ILE B 161 37.21 -14.78 9.20
CA ILE B 161 36.07 -13.89 9.40
C ILE B 161 35.00 -14.57 10.26
N GLU B 162 35.31 -15.79 10.70
CA GLU B 162 34.47 -16.52 11.65
C GLU B 162 33.06 -16.72 11.10
N GLY B 163 32.91 -16.80 9.78
CA GLY B 163 31.63 -17.06 9.15
C GLY B 163 30.55 -16.03 9.35
N VAL B 164 30.90 -14.78 9.67
CA VAL B 164 29.87 -13.76 9.77
C VAL B 164 29.52 -13.10 8.42
N ASN B 165 30.44 -13.23 7.46
CA ASN B 165 30.26 -12.72 6.10
C ASN B 165 29.68 -13.77 5.13
N THR B 166 28.98 -14.78 5.64
CA THR B 166 28.31 -15.74 4.79
C THR B 166 26.82 -15.58 5.04
N PRO B 167 25.97 -16.19 4.21
CA PRO B 167 24.55 -15.88 4.32
C PRO B 167 23.81 -16.76 5.32
N TYR B 168 22.87 -16.14 6.04
CA TYR B 168 22.02 -16.87 6.99
C TYR B 168 20.55 -16.66 6.68
N LEU B 169 19.78 -17.72 6.84
CA LEU B 169 18.34 -17.65 6.76
C LEU B 169 17.71 -17.64 8.13
N TYR B 170 16.57 -16.95 8.22
N TYR B 170 16.58 -16.95 8.21
CA TYR B 170 15.81 -16.83 9.45
CA TYR B 170 15.80 -16.82 9.45
C TYR B 170 14.33 -16.96 9.11
C TYR B 170 14.34 -16.99 9.09
N PHE B 171 13.60 -17.75 9.90
CA PHE B 171 12.17 -17.92 9.73
C PHE B 171 11.45 -17.50 11.01
N GLY B 172 10.66 -16.44 10.92
CA GLY B 172 9.93 -15.92 12.07
C GLY B 172 8.48 -16.39 12.12
N MET B 173 7.86 -16.19 13.27
CA MET B 173 6.40 -16.24 13.43
C MET B 173 6.04 -15.08 14.30
N TRP B 174 4.73 -14.84 14.46
CA TRP B 174 4.27 -13.72 15.27
C TRP B 174 4.96 -13.73 16.61
N LYS B 175 5.45 -12.55 16.98
CA LYS B 175 5.96 -12.27 18.29
C LYS B 175 7.40 -12.75 18.52
N THR B 176 8.04 -13.36 17.53
CA THR B 176 9.46 -13.70 17.72
C THR B 176 10.27 -12.40 17.85
N THR B 177 11.22 -12.42 18.80
CA THR B 177 11.94 -11.23 19.20
C THR B 177 13.38 -11.27 18.70
N PHE B 178 13.87 -10.13 18.25
CA PHE B 178 15.31 -9.90 18.23
C PHE B 178 15.62 -8.78 19.22
N ALA B 179 16.36 -9.19 20.24
CA ALA B 179 16.68 -8.34 21.38
C ALA B 179 17.73 -7.32 21.00
N TRP B 180 17.96 -6.33 21.88
CA TRP B 180 18.87 -5.22 21.64
C TRP B 180 20.30 -5.66 21.46
N HIS B 181 20.89 -5.30 20.32
CA HIS B 181 22.29 -5.63 20.02
C HIS B 181 22.84 -4.69 18.98
N THR B 182 24.18 -4.61 18.97
CA THR B 182 24.95 -4.21 17.80
C THR B 182 25.47 -5.52 17.15
N GLU B 183 26.02 -5.46 15.94
CA GLU B 183 26.49 -6.67 15.27
C GLU B 183 27.82 -7.11 15.88
N ASP B 184 28.20 -8.37 15.64
CA ASP B 184 29.54 -8.86 15.98
C ASP B 184 30.57 -7.88 15.49
N MET B 185 31.58 -7.60 16.31
CA MET B 185 32.64 -6.62 15.98
C MET B 185 32.11 -5.25 15.53
N ASP B 186 30.89 -4.91 15.98
CA ASP B 186 30.18 -3.70 15.55
C ASP B 186 30.16 -3.50 14.04
N LEU B 187 30.02 -4.59 13.29
CA LEU B 187 29.98 -4.53 11.84
C LEU B 187 28.67 -3.95 11.33
N TYR B 188 28.60 -3.73 10.01
CA TYR B 188 27.36 -3.45 9.31
C TYR B 188 26.58 -4.76 9.18
N SER B 189 25.29 -4.67 8.90
CA SER B 189 24.55 -5.84 8.45
C SER B 189 23.54 -5.45 7.40
N ILE B 190 23.12 -6.43 6.63
CA ILE B 190 22.10 -6.26 5.59
C ILE B 190 21.14 -7.42 5.76
N ASN B 191 19.85 -7.14 5.61
CA ASN B 191 18.79 -8.10 5.79
C ASN B 191 17.72 -7.93 4.68
N TYR B 192 17.41 -9.00 3.94
CA TYR B 192 16.35 -8.95 2.92
C TYR B 192 15.18 -9.81 3.38
N LEU B 193 13.98 -9.26 3.32
CA LEU B 193 12.81 -10.03 3.66
C LEU B 193 12.26 -10.67 2.40
N HIS B 194 12.47 -11.98 2.25
CA HIS B 194 12.12 -12.68 1.00
C HIS B 194 10.61 -12.76 0.79
N PHE B 195 9.94 -13.32 1.79
CA PHE B 195 8.50 -13.44 1.77
C PHE B 195 7.87 -13.46 3.16
N GLY B 196 6.56 -13.27 3.17
CA GLY B 196 5.75 -13.43 4.36
C GLY B 196 5.49 -12.11 5.04
N GLU B 197 5.26 -12.18 6.33
CA GLU B 197 4.79 -11.02 7.05
C GLU B 197 5.95 -10.09 7.43
N PRO B 198 5.63 -8.83 7.76
CA PRO B 198 6.64 -7.84 8.04
C PRO B 198 7.46 -8.07 9.32
N LYS B 199 8.54 -7.31 9.44
CA LYS B 199 9.37 -7.29 10.63
C LYS B 199 9.44 -5.83 11.09
N SER B 200 9.16 -5.57 12.35
CA SER B 200 9.29 -4.22 12.89
C SER B 200 10.63 -4.07 13.60
N TRP B 201 11.28 -2.93 13.35
CA TRP B 201 12.62 -2.63 13.86
C TRP B 201 12.59 -1.39 14.73
N TYR B 202 13.41 -1.38 15.78
CA TYR B 202 13.76 -0.18 16.54
C TYR B 202 15.26 0.07 16.33
N ALA B 203 15.68 1.32 16.26
CA ALA B 203 17.12 1.61 16.15
C ALA B 203 17.50 2.82 16.95
N ILE B 204 18.70 2.79 17.52
CA ILE B 204 19.22 3.93 18.27
C ILE B 204 20.45 4.46 17.51
N PRO B 205 20.53 5.79 17.30
CA PRO B 205 21.65 6.37 16.58
C PRO B 205 22.95 5.95 17.22
N PRO B 206 23.95 5.60 16.40
CA PRO B 206 25.23 5.22 17.02
C PRO B 206 25.79 6.30 17.96
N GLU B 207 25.57 7.58 17.67
CA GLU B 207 26.01 8.63 18.59
C GLU B 207 25.32 8.62 19.98
N HIS B 208 24.28 7.80 20.17
CA HIS B 208 23.66 7.63 21.48
C HIS B 208 23.74 6.19 22.03
N GLY B 209 24.53 5.35 21.36
CA GLY B 209 24.69 3.95 21.75
C GLY B 209 25.17 3.74 23.17
N LYS B 210 26.08 4.60 23.63
CA LYS B 210 26.60 4.46 24.98
C LYS B 210 25.53 4.68 26.04
N ARG B 211 24.52 5.48 25.73
CA ARG B 211 23.44 5.75 26.64
C ARG B 211 22.54 4.55 26.81
N LEU B 212 22.31 3.81 25.73
CA LEU B 212 21.57 2.57 25.84
C LEU B 212 22.34 1.61 26.74
N GLU B 213 23.64 1.47 26.49
CA GLU B 213 24.49 0.60 27.31
C GLU B 213 24.41 0.93 28.77
N ARG B 214 24.58 2.19 29.13
CA ARG B 214 24.50 2.57 30.55
C ARG B 214 23.09 2.36 31.15
N LEU B 215 22.05 2.58 30.37
CA LEU B 215 20.71 2.32 30.86
C LEU B 215 20.52 0.81 31.06
N ALA B 216 20.95 0.01 30.09
CA ALA B 216 20.77 -1.44 30.22
C ALA B 216 21.53 -1.96 31.46
N GLN B 217 22.70 -1.40 31.73
CA GLN B 217 23.47 -1.76 32.91
C GLN B 217 22.77 -1.49 34.22
N GLY B 218 22.13 -0.34 34.31
CA GLY B 218 21.36 0.00 35.52
C GLY B 218 20.12 -0.86 35.72
N PHE B 219 19.50 -1.30 34.64
CA PHE B 219 18.33 -2.17 34.76
C PHE B 219 18.62 -3.66 34.86
N PHE B 220 19.77 -4.11 34.36
CA PHE B 220 20.11 -5.53 34.36
C PHE B 220 21.48 -5.75 35.00
N PRO B 221 21.65 -5.29 36.25
CA PRO B 221 22.96 -5.29 36.87
C PRO B 221 23.57 -6.67 37.09
N SER B 222 22.73 -7.70 37.19
CA SER B 222 23.23 -9.05 37.29
C SER B 222 23.89 -9.47 36.00
N SER B 223 23.14 -9.43 34.91
CA SER B 223 23.68 -9.73 33.58
C SER B 223 24.94 -8.91 33.30
N SER B 224 24.97 -7.67 33.79
CA SER B 224 26.08 -6.76 33.54
C SER B 224 27.32 -7.14 34.34
N GLN B 225 27.13 -7.40 35.63
CA GLN B 225 28.22 -7.93 36.44
C GLN B 225 28.78 -9.17 35.76
N GLY B 226 27.90 -10.01 35.22
CA GLY B 226 28.30 -11.25 34.57
C GLY B 226 29.08 -11.13 33.27
N CYS B 227 28.87 -10.05 32.51
CA CYS B 227 29.57 -9.87 31.25
C CYS B 227 29.60 -8.41 30.79
N ASP B 228 30.78 -7.93 30.42
CA ASP B 228 30.96 -6.53 30.03
C ASP B 228 30.28 -6.17 28.70
N ALA B 229 30.00 -7.16 27.85
CA ALA B 229 29.24 -6.93 26.61
C ALA B 229 28.02 -7.86 26.55
N PHE B 230 27.29 -7.92 27.66
CA PHE B 230 26.18 -8.85 27.82
C PHE B 230 25.04 -8.67 26.82
N LEU B 231 24.83 -7.45 26.33
CA LEU B 231 23.84 -7.21 25.28
C LEU B 231 24.10 -8.02 23.99
N ARG B 232 25.36 -8.42 23.78
CA ARG B 232 25.70 -9.28 22.64
C ARG B 232 25.16 -10.71 22.78
N HIS B 233 24.73 -11.09 23.98
CA HIS B 233 24.02 -12.36 24.15
C HIS B 233 22.59 -12.33 23.55
N LYS B 234 22.11 -11.14 23.21
CA LYS B 234 20.79 -10.95 22.58
C LYS B 234 19.64 -11.54 23.41
N MET B 235 19.67 -11.29 24.71
CA MET B 235 18.64 -11.80 25.58
C MET B 235 17.98 -10.67 26.37
N THR B 236 18.35 -9.42 26.07
CA THR B 236 17.83 -8.25 26.79
C THR B 236 16.86 -7.44 25.93
N LEU B 237 15.62 -7.31 26.43
CA LEU B 237 14.57 -6.60 25.78
C LEU B 237 14.19 -5.39 26.63
N ILE B 238 14.04 -4.25 25.96
CA ILE B 238 13.70 -2.98 26.57
C ILE B 238 12.69 -2.30 25.65
N SER B 239 11.51 -1.97 26.18
CA SER B 239 10.43 -1.45 25.32
C SER B 239 10.65 0.01 24.99
N PRO B 240 10.10 0.49 23.85
CA PRO B 240 10.16 1.92 23.50
C PRO B 240 9.61 2.84 24.60
N SER B 241 8.66 2.36 25.39
CA SER B 241 8.17 3.16 26.53
C SER B 241 9.27 3.50 27.51
N VAL B 242 10.12 2.53 27.81
CA VAL B 242 11.23 2.75 28.73
C VAL B 242 12.23 3.72 28.11
N LEU B 243 12.47 3.60 26.80
CA LEU B 243 13.45 4.49 26.16
C LEU B 243 12.94 5.94 26.21
N LYS B 244 11.65 6.14 25.91
CA LYS B 244 11.06 7.49 25.97
C LYS B 244 11.18 8.04 27.37
N LYS B 245 10.87 7.21 28.37
CA LYS B 245 10.90 7.65 29.75
C LYS B 245 12.28 8.14 30.19
N TYR B 246 13.32 7.44 29.74
CA TYR B 246 14.69 7.81 30.11
C TYR B 246 15.39 8.69 29.10
N GLY B 247 14.66 9.25 28.15
CA GLY B 247 15.21 10.20 27.19
C GLY B 247 16.18 9.64 26.17
N ILE B 248 16.08 8.37 25.79
CA ILE B 248 16.98 7.77 24.79
C ILE B 248 16.42 7.94 23.38
N PRO B 249 17.16 8.61 22.48
CA PRO B 249 16.56 8.73 21.15
C PRO B 249 16.53 7.41 20.40
N PHE B 250 15.47 7.20 19.63
CA PHE B 250 15.32 6.03 18.83
C PHE B 250 14.29 6.32 17.75
N ASP B 251 14.23 5.43 16.78
CA ASP B 251 13.22 5.49 15.74
C ASP B 251 12.77 4.07 15.54
N LYS B 252 11.66 3.93 14.83
CA LYS B 252 11.10 2.62 14.51
C LYS B 252 10.63 2.64 13.09
N ILE B 253 10.66 1.48 12.47
CA ILE B 253 10.24 1.33 11.07
C ILE B 253 9.82 -0.13 10.87
N THR B 254 8.97 -0.37 9.88
CA THR B 254 8.49 -1.69 9.57
C THR B 254 8.96 -2.07 8.17
N GLN B 255 9.60 -3.24 8.12
CA GLN B 255 10.17 -3.78 6.90
C GLN B 255 9.17 -4.76 6.33
N GLU B 256 8.74 -4.55 5.09
CA GLU B 256 7.83 -5.47 4.40
C GLU B 256 8.57 -6.35 3.44
N ALA B 257 7.89 -7.43 3.02
CA ALA B 257 8.50 -8.37 2.10
C ALA B 257 9.03 -7.63 0.87
N GLY B 258 10.20 -8.05 0.39
CA GLY B 258 10.86 -7.43 -0.78
C GLY B 258 11.76 -6.26 -0.46
N GLU B 259 11.88 -5.87 0.80
CA GLU B 259 12.68 -4.69 1.19
C GLU B 259 13.95 -5.06 1.94
N PHE B 260 15.04 -4.30 1.73
CA PHE B 260 16.28 -4.50 2.47
C PHE B 260 16.32 -3.57 3.66
N MET B 261 16.86 -4.07 4.80
CA MET B 261 17.30 -3.21 5.89
C MET B 261 18.81 -3.35 6.09
N ILE B 262 19.47 -2.20 6.26
CA ILE B 262 20.89 -2.18 6.56
C ILE B 262 21.10 -1.54 7.94
N THR B 263 21.89 -2.20 8.79
CA THR B 263 22.33 -1.62 10.04
C THR B 263 23.75 -1.10 9.89
N PHE B 264 24.06 -0.03 10.61
CA PHE B 264 25.37 0.61 10.54
C PHE B 264 26.20 0.35 11.77
N PRO B 265 27.55 0.43 11.64
CA PRO B 265 28.41 0.16 12.76
C PRO B 265 27.97 0.88 14.03
N TYR B 266 27.85 0.10 15.09
CA TYR B 266 27.41 0.54 16.42
C TYR B 266 25.99 1.15 16.49
N GLY B 267 25.13 0.81 15.54
CA GLY B 267 23.72 1.15 15.60
C GLY B 267 22.96 0.05 16.34
N TYR B 268 22.57 0.33 17.58
CA TYR B 268 21.80 -0.63 18.35
C TYR B 268 20.44 -0.78 17.73
N HIS B 269 20.00 -2.03 17.58
CA HIS B 269 18.69 -2.31 17.02
C HIS B 269 18.02 -3.49 17.73
N ALA B 270 16.70 -3.56 17.55
CA ALA B 270 15.88 -4.61 18.12
C ALA B 270 14.56 -4.68 17.35
N GLY B 271 13.70 -5.63 17.65
CA GLY B 271 12.48 -5.74 16.89
C GLY B 271 11.72 -7.03 17.09
N PHE B 272 10.65 -7.19 16.31
CA PHE B 272 9.83 -8.36 16.39
C PHE B 272 9.22 -8.68 15.03
N ASN B 273 8.92 -9.94 14.79
CA ASN B 273 8.25 -10.33 13.55
C ASN B 273 6.74 -10.32 13.71
N HIS B 274 6.04 -9.94 12.64
CA HIS B 274 4.58 -9.81 12.65
C HIS B 274 3.88 -11.16 12.48
N GLY B 275 4.57 -12.11 11.88
CA GLY B 275 3.94 -13.37 11.51
C GLY B 275 4.95 -14.22 10.78
N PHE B 276 4.49 -15.30 10.17
CA PHE B 276 5.36 -16.18 9.39
C PHE B 276 6.11 -15.39 8.32
N ASN B 277 7.44 -15.55 8.29
CA ASN B 277 8.27 -14.88 7.28
C ASN B 277 9.63 -15.53 7.09
N CYS B 278 10.31 -15.12 6.02
CA CYS B 278 11.62 -15.64 5.69
C CYS B 278 12.58 -14.53 5.31
N ALA B 279 13.70 -14.44 6.03
CA ALA B 279 14.69 -13.44 5.78
C ALA B 279 16.08 -14.03 5.56
N GLU B 280 16.92 -13.28 4.85
CA GLU B 280 18.29 -13.66 4.58
C GLU B 280 19.19 -12.51 4.99
N SER B 281 20.28 -12.83 5.67
CA SER B 281 21.21 -11.79 6.14
C SER B 281 22.69 -12.22 6.17
N THR B 282 23.55 -11.22 6.36
CA THR B 282 24.98 -11.39 6.54
C THR B 282 25.54 -10.09 7.10
N ASN B 283 26.80 -10.13 7.51
CA ASN B 283 27.48 -8.94 7.98
C ASN B 283 28.50 -8.56 6.91
N PHE B 284 28.84 -7.28 6.86
CA PHE B 284 29.84 -6.77 5.93
C PHE B 284 30.54 -5.54 6.53
N ALA B 285 31.50 -4.99 5.81
CA ALA B 285 32.23 -3.84 6.32
C ALA B 285 32.74 -2.94 5.21
N THR B 286 33.05 -1.71 5.61
CA THR B 286 33.66 -0.72 4.78
C THR B 286 34.86 -0.20 5.56
N VAL B 287 35.60 0.73 4.97
CA VAL B 287 36.73 1.34 5.64
C VAL B 287 36.31 2.17 6.87
N ARG B 288 35.13 2.80 6.80
CA ARG B 288 34.63 3.57 7.94
C ARG B 288 34.41 2.69 9.18
N TRP B 289 34.13 1.40 8.99
CA TRP B 289 33.94 0.48 10.10
C TRP B 289 35.20 0.20 10.92
N ILE B 290 36.36 0.34 10.29
CA ILE B 290 37.59 -0.12 10.88
C ILE B 290 37.80 0.48 12.27
N ASP B 291 37.61 1.78 12.38
CA ASP B 291 37.73 2.43 13.67
C ASP B 291 36.74 1.91 14.71
N TYR B 292 35.57 1.46 14.28
CA TYR B 292 34.62 0.87 15.23
C TYR B 292 35.11 -0.51 15.72
N GLY B 293 35.50 -1.39 14.78
CA GLY B 293 36.01 -2.70 15.15
C GLY B 293 37.21 -2.65 16.09
N LYS B 294 38.05 -1.63 15.94
CA LYS B 294 39.22 -1.45 16.80
C LYS B 294 38.84 -1.16 18.24
N VAL B 295 37.63 -0.63 18.50
CA VAL B 295 37.23 -0.30 19.88
C VAL B 295 36.01 -1.07 20.33
N ALA B 296 35.60 -2.09 19.59
CA ALA B 296 34.38 -2.80 19.94
C ALA B 296 34.57 -3.58 21.26
N LYS B 297 33.57 -3.49 22.12
CA LYS B 297 33.60 -4.17 23.41
C LYS B 297 33.15 -5.58 23.13
N LEU B 298 33.92 -6.56 23.58
CA LEU B 298 33.70 -7.95 23.21
C LEU B 298 33.19 -8.79 24.37
N CYS B 299 32.43 -9.85 24.05
CA CYS B 299 31.95 -10.78 25.07
C CYS B 299 33.13 -11.58 25.61
N THR B 300 33.34 -11.43 26.90
CA THR B 300 34.46 -12.04 27.60
C THR B 300 34.10 -13.42 28.17
N CYS B 301 32.81 -13.69 28.30
CA CYS B 301 32.30 -14.72 29.24
C CYS B 301 31.96 -16.06 28.60
N ARG B 302 32.25 -16.22 27.31
CA ARG B 302 32.02 -17.48 26.61
C ARG B 302 33.11 -17.70 25.58
N LYS B 303 33.62 -18.92 25.50
CA LYS B 303 34.63 -19.29 24.50
C LYS B 303 34.12 -19.05 23.07
N ASP B 304 32.90 -19.51 22.79
CA ASP B 304 32.37 -19.60 21.44
C ASP B 304 32.20 -18.27 20.67
N MET B 305 32.33 -17.13 21.34
CA MET B 305 31.98 -15.84 20.71
C MET B 305 32.92 -15.39 19.60
N VAL B 306 32.37 -14.58 18.70
CA VAL B 306 33.07 -14.13 17.50
C VAL B 306 33.98 -12.94 17.78
N LYS B 307 35.28 -13.13 17.56
CA LYS B 307 36.26 -12.04 17.58
C LYS B 307 37.04 -12.11 16.26
N ILE B 308 37.21 -10.98 15.59
CA ILE B 308 38.01 -10.89 14.36
C ILE B 308 39.22 -10.02 14.66
N SER B 309 40.40 -10.52 14.27
CA SER B 309 41.66 -9.79 14.46
C SER B 309 41.73 -8.53 13.59
N MET B 310 41.92 -7.37 14.23
CA MET B 310 41.86 -6.08 13.53
C MET B 310 43.17 -5.64 12.91
N ASP B 311 44.22 -6.42 13.14
CA ASP B 311 45.57 -6.09 12.67
C ASP B 311 45.66 -5.91 11.15
N ILE B 312 45.15 -6.87 10.39
CA ILE B 312 45.17 -6.77 8.92
C ILE B 312 44.55 -5.45 8.40
N PHE B 313 43.43 -5.04 9.02
CA PHE B 313 42.67 -3.90 8.54
C PHE B 313 43.37 -2.58 8.77
N VAL B 314 44.06 -2.45 9.91
CA VAL B 314 44.78 -1.19 10.18
C VAL B 314 46.01 -1.11 9.29
N ARG B 315 46.76 -2.20 9.22
N ARG B 315 46.76 -2.19 9.22
CA ARG B 315 47.97 -2.25 8.40
CA ARG B 315 47.97 -2.21 8.40
C ARG B 315 47.68 -1.85 6.96
C ARG B 315 47.67 -1.83 6.95
N LYS B 316 46.64 -2.45 6.37
CA LYS B 316 46.26 -2.20 4.97
C LYS B 316 45.56 -0.87 4.70
N PHE B 317 44.54 -0.55 5.47
CA PHE B 317 43.72 0.63 5.17
C PHE B 317 44.03 1.87 6.02
N GLN B 318 44.83 1.71 7.07
CA GLN B 318 45.23 2.82 7.95
C GLN B 318 46.73 2.78 8.20
N PRO B 319 47.55 2.66 7.15
CA PRO B 319 48.99 2.50 7.35
C PRO B 319 49.67 3.67 8.08
N ASP B 320 49.14 4.87 7.91
CA ASP B 320 49.70 6.05 8.60
CA ASP B 320 49.64 6.07 8.58
C ASP B 320 49.44 6.02 10.11
N ARG B 321 48.57 5.12 10.59
CA ARG B 321 48.27 5.00 12.02
C ARG B 321 48.68 3.65 12.63
N TYR B 322 49.24 2.75 11.85
CA TYR B 322 49.41 1.35 12.29
C TYR B 322 50.39 1.16 13.46
N GLN B 323 51.54 1.84 13.40
CA GLN B 323 52.53 1.77 14.48
C GLN B 323 51.99 2.37 15.78
N LEU B 324 51.36 3.54 15.70
CA LEU B 324 50.66 4.14 16.85
C LEU B 324 49.60 3.19 17.43
N TRP B 325 48.82 2.57 16.56
CA TRP B 325 47.83 1.60 17.02
C TRP B 325 48.53 0.45 17.76
N LYS B 326 49.58 -0.11 17.19
CA LYS B 326 50.24 -1.24 17.85
C LYS B 326 50.94 -0.84 19.13
N GLN B 327 51.43 0.39 19.20
CA GLN B 327 51.94 0.95 20.45
C GLN B 327 50.85 1.22 21.50
N GLY B 328 49.58 1.26 21.11
CA GLY B 328 48.49 1.59 22.04
C GLY B 328 48.26 3.09 22.18
N LYS B 329 48.79 3.86 21.22
CA LYS B 329 48.67 5.31 21.20
C LYS B 329 47.84 5.84 19.99
N ASP B 330 47.03 4.99 19.38
CA ASP B 330 46.04 5.47 18.41
C ASP B 330 44.77 5.90 19.18
N ILE B 331 44.81 7.15 19.64
CA ILE B 331 43.78 7.71 20.50
C ILE B 331 42.80 8.43 19.60
N TYR B 332 41.52 8.11 19.76
CA TYR B 332 40.50 8.83 19.04
C TYR B 332 39.13 8.62 19.67
N THR B 333 38.24 9.55 19.35
CA THR B 333 36.82 9.37 19.60
C THR B 333 36.14 9.40 18.24
N ILE B 334 35.31 8.40 17.97
CA ILE B 334 34.67 8.24 16.64
C ILE B 334 33.71 9.41 16.38
N ASP B 335 33.75 9.96 15.18
CA ASP B 335 32.75 10.91 14.75
C ASP B 335 31.72 10.13 13.96
N HIS B 336 30.56 9.92 14.58
CA HIS B 336 29.50 9.10 14.00
C HIS B 336 28.72 9.82 12.91
N THR B 337 28.93 11.12 12.76
CA THR B 337 28.20 11.88 11.75
C THR B 337 28.86 11.76 10.41
N LYS B 338 30.11 11.29 10.38
CA LYS B 338 30.77 11.11 9.11
C LYS B 338 30.99 9.63 8.78
#